data_8TRQ
#
_entry.id   8TRQ
#
_cell.length_a   58.603
_cell.length_b   76.616
_cell.length_c   224.184
_cell.angle_alpha   90.000
_cell.angle_beta   90.000
_cell.angle_gamma   90.000
#
_symmetry.space_group_name_H-M   'P 2 21 21'
#
loop_
_entity.id
_entity.type
_entity.pdbx_description
1 polymer 'HLA class II histocompatibility antigen, DR alpha chain'
2 polymer 'HLA class II histocompatibility antigen, DRB1 beta chain'
3 polymer Vimentin
4 polymer 'A07 TCR alpha chain'
5 polymer 'A07 TCR beta chain'
6 branched 2-acetamido-2-deoxy-beta-D-glucopyranose-(1-4)-2-acetamido-2-deoxy-beta-D-glucopyranose
7 non-polymer GLYCEROL
8 water water
#
loop_
_entity_poly.entity_id
_entity_poly.type
_entity_poly.pdbx_seq_one_letter_code
_entity_poly.pdbx_strand_id
1 'polypeptide(L)'
;IKEEHVIIQAEFYLNPDQSGEFMFDFDGDEIFHVDMAKKETVWRLEEFGRFASFEAQGALANIAVDKANLEIMTKRSNYT
PITNVPPEVTVLTNSPVELREPNVLICFIDKFTPPVVNVTWLRNGKPVTTGVSETVFLPREDHLFRKFHYLPFLPSTEDV
YDCRVEHWGLDEPLLKHWEFDTSGDDDDK
;
A
2 'polypeptide(L)'
;GDTRPRFLEQVKHECHFFNGTERVRFLDRYFYHQEEYVRFDSDVGEYRAVTELGRPDAEYWNSQKDLLEQKRAAVDTYCR
HNYGVGESFTVQRRVYPEVTVYPAKTQPLQHHNLLVCSVNGFYPGSIEVRWFRNGQEEKTGVVSTGLIQNGDWTFQTLVM
LETVPRSGEVYTCQVEHPSLTSPLTVEWRAGSGLEVLFQ
;
B
3 'polypeptide(L)' GVYAT(CIR)SSAVRLR C
4 'polypeptide(L)'
;GDSVTQTEGQVTVSESKSLIINCTYSTTSIAYPNLFWYVRYPGEGLQLLLKVITAGQKGSSRGFEATYNKETTSFHLQKA
SVQESDSAVYYCALGDHSGSWQLIFGSGTQLTVMPDIQNPDPAVYQLRDSKSSDKSVCLFTDFDSQTNVSQSKDSDVYIT
DKCVLDMRSMDFKSNSAVAWSNKSDFACANAFNNSIIPEDTFFPSPESS
;
D
5 'polypeptide(L)'
;DGGIITQTPKFLIGQEGQKLTLKCQQNFNHDTMYWYRQDSGKGLRLIYYSITENDLQKGDLSEGYDASREKKSSFSLTVT
SAQKNEMAVFLCASSLRTGANSDYTFGSGTRLLVIEDLNKVFPPEVAVFEPSEAEISHTQKATLVCLATGFFPDHVELSW
WVNGKEVHSGVCTDPQPLKEQPALNDSRYALSSRLRVSATFWQNPRNHFRCQVQFYGLSENDEWTQDRAKPVTQIVSAEA
WGRAD
;
E
#
# COMPACT_ATOMS: atom_id res chain seq x y z
N GLU A 3 -6.67 -15.88 30.35
CA GLU A 3 -7.11 -14.68 29.65
C GLU A 3 -8.02 -15.08 28.48
N GLU A 4 -8.99 -14.23 28.17
CA GLU A 4 -9.89 -14.48 27.06
C GLU A 4 -10.50 -13.13 26.70
N HIS A 5 -10.22 -12.64 25.50
CA HIS A 5 -10.66 -11.30 25.16
C HIS A 5 -11.20 -11.31 23.73
N VAL A 6 -11.90 -10.23 23.41
CA VAL A 6 -12.43 -10.05 22.08
C VAL A 6 -12.17 -8.61 21.67
N ILE A 7 -11.33 -8.41 20.67
CA ILE A 7 -11.18 -7.11 19.99
C ILE A 7 -12.02 -7.12 18.74
N ILE A 8 -12.84 -6.08 18.56
CA ILE A 8 -13.69 -5.97 17.39
C ILE A 8 -13.50 -4.59 16.78
N GLN A 9 -13.23 -4.56 15.47
CA GLN A 9 -13.15 -3.36 14.66
C GLN A 9 -14.49 -3.28 13.96
N ALA A 10 -15.35 -2.40 14.44
CA ALA A 10 -16.73 -2.37 13.98
C ALA A 10 -16.93 -1.11 13.16
N GLU A 11 -17.64 -1.24 12.03
CA GLU A 11 -17.88 -0.13 11.11
C GLU A 11 -19.30 -0.19 10.59
N PHE A 12 -19.88 0.98 10.32
CA PHE A 12 -21.15 0.97 9.61
C PHE A 12 -21.29 2.21 8.72
N TYR A 13 -22.20 2.10 7.75
CA TYR A 13 -22.56 3.21 6.87
C TYR A 13 -24.07 3.21 6.65
N LEU A 14 -24.69 4.39 6.75
CA LEU A 14 -26.16 4.53 6.68
C LEU A 14 -26.57 5.44 5.52
N ASN A 15 -27.51 4.95 4.68
CA ASN A 15 -28.14 5.76 3.63
C ASN A 15 -29.61 5.97 3.94
N PRO A 16 -30.18 7.11 3.54
CA PRO A 16 -29.53 8.19 2.80
C PRO A 16 -28.87 9.22 3.70
N ASP A 17 -28.72 8.88 4.99
CA ASP A 17 -28.14 9.82 5.95
C ASP A 17 -26.68 10.09 5.63
N GLN A 18 -26.02 9.15 4.94
CA GLN A 18 -24.60 9.27 4.58
C GLN A 18 -23.73 9.59 5.80
N SER A 19 -24.00 8.87 6.90
CA SER A 19 -23.21 8.95 8.11
C SER A 19 -22.55 7.59 8.36
N GLY A 20 -21.27 7.63 8.73
CA GLY A 20 -20.51 6.44 8.96
C GLY A 20 -19.87 6.51 10.33
N GLU A 21 -19.37 5.35 10.76
CA GLU A 21 -18.70 5.29 12.04
C GLU A 21 -17.66 4.20 11.96
N PHE A 22 -16.50 4.46 12.58
CA PHE A 22 -15.42 3.48 12.65
C PHE A 22 -14.96 3.45 14.08
N MET A 23 -15.01 2.28 14.73
CA MET A 23 -14.55 2.24 16.10
C MET A 23 -13.93 0.89 16.42
N PHE A 24 -13.10 0.87 17.44
CA PHE A 24 -12.53 -0.35 17.98
C PHE A 24 -13.16 -0.62 19.35
N ASP A 25 -13.26 -1.90 19.65
CA ASP A 25 -13.98 -2.39 20.82
C ASP A 25 -13.11 -3.44 21.49
N PHE A 26 -12.99 -3.36 22.81
CA PHE A 26 -12.25 -4.33 23.62
C PHE A 26 -13.16 -4.77 24.76
N ASP A 27 -13.52 -6.06 24.74
CA ASP A 27 -14.32 -6.65 25.81
C ASP A 27 -15.55 -5.78 26.15
N GLY A 28 -16.13 -5.17 25.13
CA GLY A 28 -17.31 -4.36 25.31
C GLY A 28 -17.08 -2.88 25.47
N ASP A 29 -15.82 -2.44 25.54
CA ASP A 29 -15.44 -1.06 25.76
C ASP A 29 -14.76 -0.47 24.53
N GLU A 30 -15.02 0.81 24.27
CA GLU A 30 -14.50 1.50 23.08
C GLU A 30 -13.06 1.95 23.27
N ILE A 31 -12.16 1.47 22.43
CA ILE A 31 -10.79 1.96 22.50
C ILE A 31 -10.70 3.38 21.95
N PHE A 32 -11.28 3.58 20.77
CA PHE A 32 -11.30 4.86 20.11
C PHE A 32 -12.31 4.77 18.97
N HIS A 33 -12.57 5.93 18.39
CA HIS A 33 -13.36 6.02 17.18
C HIS A 33 -12.70 7.06 16.29
N VAL A 34 -12.97 7.00 15.00
CA VAL A 34 -12.50 7.99 14.06
C VAL A 34 -13.61 9.00 13.87
N ASP A 35 -13.31 10.27 14.16
CA ASP A 35 -14.25 11.35 13.86
C ASP A 35 -14.20 11.65 12.37
N MET A 36 -15.24 11.24 11.65
CA MET A 36 -15.28 11.46 10.22
C MET A 36 -15.18 12.93 9.86
N ALA A 37 -15.76 13.82 10.68
CA ALA A 37 -15.76 15.24 10.33
C ALA A 37 -14.34 15.80 10.36
N LYS A 38 -13.70 15.76 11.52
CA LYS A 38 -12.34 16.24 11.69
C LYS A 38 -11.29 15.29 11.13
N LYS A 39 -11.66 14.05 10.77
CA LYS A 39 -10.73 13.06 10.24
C LYS A 39 -9.59 12.79 11.23
N GLU A 40 -9.92 12.70 12.52
CA GLU A 40 -8.94 12.49 13.56
C GLU A 40 -9.36 11.31 14.44
N THR A 41 -8.35 10.64 14.98
CA THR A 41 -8.61 9.60 15.97
C THR A 41 -9.04 10.23 17.29
N VAL A 42 -10.13 9.73 17.85
CA VAL A 42 -10.68 10.19 19.13
C VAL A 42 -10.69 9.02 20.10
N TRP A 43 -9.89 9.11 21.15
CA TRP A 43 -9.77 8.01 22.10
C TRP A 43 -10.79 8.13 23.22
N ARG A 44 -11.33 6.98 23.64
CA ARG A 44 -12.36 6.99 24.66
C ARG A 44 -11.84 7.55 25.98
N LEU A 45 -10.64 7.12 26.36
CA LEU A 45 -9.89 7.70 27.47
C LEU A 45 -8.65 8.41 26.91
N GLU A 46 -8.50 9.70 27.25
CA GLU A 46 -7.42 10.52 26.72
C GLU A 46 -6.05 9.90 26.96
N GLU A 47 -5.85 9.26 28.11
CA GLU A 47 -4.57 8.60 28.38
C GLU A 47 -4.20 7.62 27.26
N PHE A 48 -5.18 7.01 26.59
CA PHE A 48 -4.85 5.97 25.59
C PHE A 48 -3.95 6.52 24.48
N GLY A 49 -4.17 7.76 24.06
CA GLY A 49 -3.36 8.32 22.98
C GLY A 49 -1.91 8.53 23.35
N ARG A 50 -1.60 8.48 24.63
CA ARG A 50 -0.22 8.52 25.07
C ARG A 50 0.48 7.18 24.90
N PHE A 51 -0.27 6.10 24.76
CA PHE A 51 0.37 4.81 24.62
C PHE A 51 0.26 4.23 23.22
N ALA A 52 -0.58 4.80 22.36
CA ALA A 52 -0.79 4.23 21.04
C ALA A 52 -1.28 5.33 20.11
N SER A 53 -1.17 5.07 18.82
CA SER A 53 -1.72 6.01 17.85
C SER A 53 -2.40 5.23 16.74
N PHE A 54 -2.99 5.98 15.84
CA PHE A 54 -3.81 5.40 14.79
C PHE A 54 -3.97 6.38 13.65
N GLU A 55 -3.88 5.88 12.43
CA GLU A 55 -3.97 6.70 11.22
C GLU A 55 -5.41 6.68 10.70
N ALA A 56 -6.11 7.79 10.91
CA ALA A 56 -7.51 7.95 10.55
C ALA A 56 -7.77 7.71 9.06
N GLN A 57 -6.80 7.95 8.17
CA GLN A 57 -7.12 7.78 6.76
C GLN A 57 -7.38 6.32 6.38
N GLY A 58 -6.79 5.35 7.08
CA GLY A 58 -7.11 3.96 6.81
C GLY A 58 -8.53 3.60 7.16
N ALA A 59 -9.08 4.22 8.21
CA ALA A 59 -10.49 4.08 8.50
C ALA A 59 -11.34 4.68 7.39
N LEU A 60 -10.89 5.80 6.81
CA LEU A 60 -11.70 6.47 5.80
C LEU A 60 -11.73 5.66 4.52
N ALA A 61 -10.63 4.96 4.22
CA ALA A 61 -10.61 4.01 3.13
C ALA A 61 -11.75 3.00 3.26
N ASN A 62 -11.89 2.39 4.44
CA ASN A 62 -12.93 1.39 4.61
C ASN A 62 -14.32 1.98 4.54
N ILE A 63 -14.50 3.22 5.01
CA ILE A 63 -15.85 3.77 4.97
C ILE A 63 -16.25 4.05 3.52
N ALA A 64 -15.29 4.42 2.67
CA ALA A 64 -15.62 4.52 1.24
C ALA A 64 -15.98 3.15 0.67
N VAL A 65 -15.20 2.12 0.99
CA VAL A 65 -15.55 0.78 0.54
C VAL A 65 -16.94 0.37 1.04
N ASP A 66 -17.28 0.68 2.30
CA ASP A 66 -18.57 0.21 2.82
C ASP A 66 -19.74 0.88 2.09
N LYS A 67 -19.59 2.16 1.71
CA LYS A 67 -20.71 2.84 1.05
C LYS A 67 -20.95 2.24 -0.33
N ALA A 68 -19.88 1.90 -1.05
CA ALA A 68 -20.07 1.20 -2.31
C ALA A 68 -20.62 -0.20 -2.07
N ASN A 69 -20.16 -0.85 -0.99
CA ASN A 69 -20.66 -2.18 -0.68
C ASN A 69 -22.16 -2.15 -0.35
N LEU A 70 -22.61 -1.11 0.36
CA LEU A 70 -24.01 -0.99 0.71
C LEU A 70 -24.88 -0.75 -0.53
N GLU A 71 -24.42 0.10 -1.45
CA GLU A 71 -25.25 0.38 -2.62
C GLU A 71 -25.47 -0.88 -3.44
N ILE A 72 -24.47 -1.76 -3.51
CA ILE A 72 -24.58 -3.00 -4.24
C ILE A 72 -25.55 -3.93 -3.53
N MET A 73 -25.39 -4.05 -2.21
CA MET A 73 -26.23 -4.93 -1.42
C MET A 73 -27.68 -4.45 -1.36
N THR A 74 -27.90 -3.13 -1.32
CA THR A 74 -29.27 -2.64 -1.33
C THR A 74 -29.98 -3.05 -2.61
N LYS A 75 -29.31 -2.92 -3.75
CA LYS A 75 -29.89 -3.35 -5.01
C LYS A 75 -30.05 -4.87 -5.04
N ARG A 76 -29.01 -5.59 -4.63
CA ARG A 76 -29.11 -7.04 -4.60
C ARG A 76 -30.36 -7.50 -3.83
N SER A 77 -30.75 -6.81 -2.76
CA SER A 77 -31.92 -7.18 -1.98
C SER A 77 -33.21 -6.57 -2.49
N ASN A 78 -33.19 -6.00 -3.70
CA ASN A 78 -34.35 -5.28 -4.25
C ASN A 78 -34.82 -4.23 -3.26
N TYR A 79 -33.86 -3.47 -2.75
CA TYR A 79 -34.12 -2.32 -1.87
C TYR A 79 -34.96 -2.73 -0.67
N THR A 80 -34.54 -3.81 -0.01
CA THR A 80 -35.17 -4.21 1.22
C THR A 80 -34.77 -3.26 2.34
N PRO A 81 -35.70 -2.53 2.96
CA PRO A 81 -35.33 -1.57 3.99
C PRO A 81 -35.14 -2.25 5.34
N ILE A 82 -34.58 -1.49 6.27
CA ILE A 82 -34.38 -1.99 7.62
C ILE A 82 -35.62 -1.69 8.43
N THR A 83 -36.04 -2.64 9.26
CA THR A 83 -37.18 -2.43 10.13
C THR A 83 -36.67 -1.83 11.44
N ASN A 84 -37.21 -0.66 11.79
CA ASN A 84 -36.72 0.05 12.96
C ASN A 84 -36.95 -0.78 14.22
N VAL A 85 -36.06 -0.62 15.19
CA VAL A 85 -36.22 -1.25 16.49
C VAL A 85 -36.15 -0.15 17.55
N PRO A 86 -37.18 0.00 18.40
CA PRO A 86 -37.12 1.05 19.41
C PRO A 86 -36.17 0.69 20.54
N PRO A 87 -35.63 1.68 21.23
CA PRO A 87 -34.65 1.42 22.29
C PRO A 87 -35.26 1.26 23.68
N GLU A 88 -34.49 0.58 24.53
CA GLU A 88 -34.72 0.51 25.96
C GLU A 88 -33.85 1.55 26.65
N VAL A 89 -34.46 2.37 27.49
CA VAL A 89 -33.74 3.43 28.19
C VAL A 89 -33.75 3.15 29.69
N THR A 90 -32.55 3.11 30.28
CA THR A 90 -32.36 2.96 31.70
C THR A 90 -31.47 4.09 32.21
N VAL A 91 -31.90 4.78 33.27
CA VAL A 91 -31.17 5.88 33.88
C VAL A 91 -30.67 5.42 35.24
N LEU A 92 -29.42 5.75 35.57
CA LEU A 92 -28.80 5.29 36.82
C LEU A 92 -27.65 6.22 37.17
N THR A 93 -27.07 6.00 38.33
CA THR A 93 -25.92 6.76 38.75
C THR A 93 -24.70 5.85 38.82
N ASN A 94 -23.51 6.42 38.70
CA ASN A 94 -22.34 5.55 38.78
C ASN A 94 -21.91 5.30 40.22
N SER A 95 -22.57 5.93 41.20
CA SER A 95 -22.29 5.74 42.62
C SER A 95 -23.55 5.96 43.43
N PRO A 96 -23.70 5.30 44.58
CA PRO A 96 -24.88 5.55 45.43
C PRO A 96 -25.00 7.03 45.76
N VAL A 97 -26.24 7.51 45.70
CA VAL A 97 -26.56 8.93 45.79
C VAL A 97 -26.54 9.39 47.25
N GLU A 98 -25.74 10.42 47.52
CA GLU A 98 -25.69 11.16 48.76
C GLU A 98 -25.80 12.65 48.44
N LEU A 99 -26.53 13.40 49.26
CA LEU A 99 -26.65 14.84 49.09
C LEU A 99 -25.30 15.55 49.17
N ARG A 100 -25.15 16.63 48.40
CA ARG A 100 -23.96 17.47 48.30
C ARG A 100 -22.69 16.68 48.01
N GLU A 101 -22.85 15.42 47.60
CA GLU A 101 -21.75 14.61 47.12
C GLU A 101 -21.88 14.46 45.61
N PRO A 102 -20.93 14.98 44.84
CA PRO A 102 -21.06 14.99 43.37
C PRO A 102 -21.30 13.61 42.79
N ASN A 103 -22.17 13.53 41.78
CA ASN A 103 -22.52 12.27 41.17
C ASN A 103 -22.67 12.49 39.67
N VAL A 104 -22.87 11.39 38.93
CA VAL A 104 -23.08 11.43 37.49
C VAL A 104 -24.32 10.61 37.13
N LEU A 105 -25.22 11.20 36.33
CA LEU A 105 -26.37 10.47 35.78
C LEU A 105 -26.00 9.82 34.46
N ILE A 106 -26.37 8.55 34.33
CA ILE A 106 -26.07 7.75 33.14
C ILE A 106 -27.37 7.40 32.45
N CYS A 107 -27.56 7.88 31.23
CA CYS A 107 -28.72 7.49 30.43
C CYS A 107 -28.26 6.45 29.42
N PHE A 108 -28.78 5.23 29.54
CA PHE A 108 -28.31 4.09 28.77
C PHE A 108 -29.37 3.74 27.74
N ILE A 109 -29.06 3.98 26.47
CA ILE A 109 -29.94 3.61 25.37
C ILE A 109 -29.43 2.31 24.76
N ASP A 110 -30.33 1.34 24.58
CA ASP A 110 -29.92 -0.01 24.21
C ASP A 110 -30.95 -0.64 23.27
N LYS A 111 -30.47 -1.63 22.51
CA LYS A 111 -31.26 -2.53 21.66
C LYS A 111 -32.11 -1.74 20.65
N PHE A 112 -31.40 -1.04 19.77
CA PHE A 112 -32.09 -0.23 18.78
C PHE A 112 -31.34 -0.27 17.46
N THR A 113 -32.05 0.18 16.42
CA THR A 113 -31.50 0.34 15.08
C THR A 113 -32.54 1.06 14.21
N PRO A 114 -32.13 1.83 13.18
CA PRO A 114 -30.78 2.26 12.80
C PRO A 114 -30.10 3.20 13.81
N PRO A 115 -28.78 3.36 13.70
CA PRO A 115 -28.07 4.12 14.74
C PRO A 115 -28.21 5.62 14.58
N VAL A 116 -29.39 6.14 14.93
CA VAL A 116 -29.73 7.56 14.90
C VAL A 116 -30.69 7.81 16.04
N VAL A 117 -30.30 8.67 16.99
CA VAL A 117 -31.10 8.98 18.16
C VAL A 117 -31.07 10.47 18.41
N ASN A 118 -31.92 10.91 19.32
CA ASN A 118 -31.90 12.26 19.89
C ASN A 118 -32.03 12.06 21.39
N VAL A 119 -30.95 12.31 22.12
CA VAL A 119 -30.96 12.20 23.57
C VAL A 119 -30.83 13.59 24.15
N THR A 120 -31.73 13.94 25.06
CA THR A 120 -31.78 15.28 25.65
C THR A 120 -31.94 15.13 27.15
N TRP A 121 -30.95 15.60 27.91
CA TRP A 121 -31.12 15.69 29.35
C TRP A 121 -32.01 16.88 29.70
N LEU A 122 -32.82 16.72 30.76
CA LEU A 122 -33.71 17.75 31.27
C LEU A 122 -33.51 17.88 32.77
N ARG A 123 -33.39 19.11 33.28
CA ARG A 123 -33.31 19.36 34.72
C ARG A 123 -34.53 20.19 35.11
N ASN A 124 -35.46 19.56 35.82
CA ASN A 124 -36.72 20.20 36.19
C ASN A 124 -37.46 20.69 34.96
N GLY A 125 -37.50 19.86 33.91
CA GLY A 125 -38.18 20.21 32.67
C GLY A 125 -37.39 21.09 31.73
N LYS A 126 -36.28 21.65 32.19
CA LYS A 126 -35.43 22.56 31.44
C LYS A 126 -34.30 21.80 30.79
N PRO A 127 -34.05 22.00 29.50
CA PRO A 127 -32.92 21.34 28.85
C PRO A 127 -31.59 21.86 29.38
N VAL A 128 -30.70 20.95 29.72
CA VAL A 128 -29.37 21.26 30.24
C VAL A 128 -28.34 20.84 29.21
N THR A 129 -27.47 21.79 28.81
CA THR A 129 -26.42 21.52 27.83
C THR A 129 -25.02 21.85 28.35
N THR A 130 -24.84 21.93 29.67
CA THR A 130 -23.53 22.23 30.23
C THR A 130 -23.05 21.01 31.01
N GLY A 131 -21.83 20.57 30.73
CA GLY A 131 -21.29 19.41 31.40
C GLY A 131 -21.73 18.07 30.85
N VAL A 132 -22.72 18.05 29.96
CA VAL A 132 -23.16 16.82 29.34
C VAL A 132 -22.06 16.25 28.44
N SER A 133 -22.03 14.93 28.32
CA SER A 133 -21.17 14.23 27.37
C SER A 133 -21.87 12.93 26.96
N GLU A 134 -21.43 12.35 25.83
CA GLU A 134 -22.10 11.19 25.24
C GLU A 134 -21.07 10.31 24.52
N THR A 135 -21.48 9.08 24.19
CA THR A 135 -20.66 8.16 23.43
C THR A 135 -21.21 7.97 22.02
N VAL A 136 -20.36 7.43 21.15
CA VAL A 136 -20.80 7.02 19.81
C VAL A 136 -21.62 5.74 19.91
N PHE A 137 -22.13 5.27 18.78
CA PHE A 137 -22.95 4.07 18.80
C PHE A 137 -22.04 2.88 18.96
N LEU A 138 -22.26 2.13 20.02
CA LEU A 138 -21.48 0.96 20.34
C LEU A 138 -22.17 -0.29 19.79
N PRO A 139 -21.40 -1.22 19.24
CA PRO A 139 -22.01 -2.40 18.61
C PRO A 139 -22.47 -3.42 19.66
N ARG A 140 -23.37 -4.30 19.23
CA ARG A 140 -23.89 -5.39 20.06
C ARG A 140 -23.76 -6.69 19.31
N GLU A 141 -23.71 -7.82 20.05
CA GLU A 141 -23.46 -9.12 19.42
C GLU A 141 -24.67 -9.57 18.61
N ASP A 142 -25.88 -9.09 18.95
CA ASP A 142 -27.07 -9.26 18.14
C ASP A 142 -27.18 -8.20 17.07
N HIS A 143 -26.13 -7.38 16.93
CA HIS A 143 -25.95 -6.44 15.84
C HIS A 143 -26.94 -5.28 15.89
N LEU A 144 -27.54 -5.01 17.06
CA LEU A 144 -28.17 -3.73 17.34
C LEU A 144 -27.10 -2.76 17.86
N PHE A 145 -27.52 -1.64 18.43
CA PHE A 145 -26.60 -0.63 18.92
C PHE A 145 -26.90 -0.25 20.37
N ARG A 146 -25.95 0.44 21.00
CA ARG A 146 -26.13 1.03 22.33
C ARG A 146 -25.41 2.36 22.43
N LYS A 147 -25.74 3.11 23.48
CA LYS A 147 -25.21 4.46 23.64
C LYS A 147 -25.33 4.92 25.10
N PHE A 148 -24.40 5.75 25.52
CA PHE A 148 -24.41 6.32 26.86
C PHE A 148 -24.40 7.84 26.81
N HIS A 149 -25.23 8.45 27.64
CA HIS A 149 -25.19 9.89 27.86
C HIS A 149 -24.99 10.16 29.35
N TYR A 150 -24.23 11.21 29.64
CA TYR A 150 -23.78 11.49 30.99
C TYR A 150 -24.10 12.92 31.37
N LEU A 151 -24.61 13.08 32.60
CA LEU A 151 -24.85 14.39 33.20
C LEU A 151 -24.29 14.42 34.62
N PRO A 152 -23.12 15.03 34.81
CA PRO A 152 -22.64 15.24 36.19
C PRO A 152 -23.56 16.18 36.95
N PHE A 153 -23.83 15.86 38.21
CA PHE A 153 -24.74 16.74 38.93
C PHE A 153 -24.43 16.70 40.43
N LEU A 154 -25.01 17.66 41.14
CA LEU A 154 -24.97 17.67 42.60
C LEU A 154 -26.30 17.22 43.18
N PRO A 155 -26.36 16.07 43.86
CA PRO A 155 -27.63 15.52 44.36
C PRO A 155 -28.41 16.46 45.26
N SER A 156 -29.64 16.76 44.85
CA SER A 156 -30.49 17.67 45.57
C SER A 156 -31.81 17.00 45.92
N THR A 157 -32.54 17.61 46.85
CA THR A 157 -33.87 17.12 47.14
C THR A 157 -34.94 17.77 46.28
N GLU A 158 -34.70 18.97 45.78
CA GLU A 158 -35.66 19.65 44.91
C GLU A 158 -35.31 19.58 43.43
N ASP A 159 -34.21 18.92 43.04
CA ASP A 159 -33.87 18.82 41.63
C ASP A 159 -34.41 17.51 41.05
N VAL A 160 -34.90 17.59 39.81
CA VAL A 160 -35.54 16.48 39.12
C VAL A 160 -34.97 16.37 37.71
N TYR A 161 -34.67 15.14 37.27
CA TYR A 161 -34.06 14.92 35.97
C TYR A 161 -34.89 13.97 35.12
N ASP A 162 -34.72 14.12 33.80
CA ASP A 162 -35.36 13.27 32.80
C ASP A 162 -34.44 13.12 31.59
N CYS A 163 -34.43 11.90 31.05
CA CYS A 163 -33.71 11.59 29.82
C CYS A 163 -34.74 11.47 28.70
N ARG A 164 -34.66 12.37 27.72
CA ARG A 164 -35.58 12.39 26.57
C ARG A 164 -34.89 11.75 25.38
N VAL A 165 -35.39 10.61 24.93
CA VAL A 165 -34.83 9.84 23.83
C VAL A 165 -35.86 9.80 22.71
N GLU A 166 -35.46 10.25 21.51
CA GLU A 166 -36.32 10.23 20.33
C GLU A 166 -35.72 9.29 19.30
N HIS A 167 -36.51 8.32 18.84
CA HIS A 167 -36.07 7.35 17.85
C HIS A 167 -37.23 7.11 16.87
N TRP A 168 -36.88 6.69 15.65
CA TRP A 168 -37.91 6.45 14.66
C TRP A 168 -38.79 5.26 15.03
N GLY A 169 -38.25 4.32 15.80
CA GLY A 169 -39.03 3.22 16.35
C GLY A 169 -40.03 3.63 17.40
N LEU A 170 -39.99 4.88 17.86
CA LEU A 170 -40.88 5.36 18.90
C LEU A 170 -41.96 6.24 18.29
N ASP A 171 -43.20 6.03 18.72
CA ASP A 171 -44.25 6.92 18.29
C ASP A 171 -44.24 8.21 19.09
N GLU A 172 -43.73 8.15 20.31
CA GLU A 172 -43.65 9.29 21.19
C GLU A 172 -42.26 9.34 21.79
N PRO A 173 -41.75 10.54 22.08
CA PRO A 173 -40.43 10.64 22.72
C PRO A 173 -40.42 9.94 24.07
N LEU A 174 -39.50 9.00 24.24
CA LEU A 174 -39.42 8.21 25.46
C LEU A 174 -38.80 9.04 26.59
N LEU A 175 -39.43 9.02 27.75
CA LEU A 175 -38.99 9.83 28.88
C LEU A 175 -38.78 8.92 30.07
N LYS A 176 -37.52 8.82 30.51
CA LYS A 176 -37.17 8.06 31.69
C LYS A 176 -36.75 9.02 32.78
N HIS A 177 -37.21 8.74 33.99
CA HIS A 177 -37.21 9.71 35.07
C HIS A 177 -36.20 9.35 36.15
N TRP A 178 -35.78 10.37 36.89
CA TRP A 178 -34.95 10.13 38.06
C TRP A 178 -35.16 11.22 39.10
N GLU A 179 -35.08 10.82 40.37
CA GLU A 179 -35.27 11.70 41.52
C GLU A 179 -34.40 11.19 42.64
N PHE A 180 -34.25 12.01 43.68
CA PHE A 180 -33.43 11.59 44.83
C PHE A 180 -34.05 10.38 45.52
N ASP A 181 -35.39 10.35 45.66
CA ASP A 181 -36.14 9.15 46.08
C ASP A 181 -36.37 8.26 44.85
N THR A 182 -35.32 7.53 44.44
CA THR A 182 -35.15 6.88 43.11
C THR A 182 -36.13 7.27 41.99
N THR B 3 -39.48 9.69 7.26
CA THR B 3 -40.21 8.78 6.39
C THR B 3 -39.32 8.15 5.32
N ARG B 4 -38.14 8.70 5.12
CA ARG B 4 -37.24 8.17 4.11
C ARG B 4 -36.71 6.80 4.55
N PRO B 5 -36.85 5.76 3.72
CA PRO B 5 -36.34 4.44 4.11
C PRO B 5 -34.83 4.43 4.24
N ARG B 6 -34.36 3.72 5.25
CA ARG B 6 -32.94 3.67 5.54
C ARG B 6 -32.34 2.33 5.09
N PHE B 7 -31.03 2.35 4.86
CA PHE B 7 -30.26 1.17 4.46
C PHE B 7 -28.95 1.14 5.22
N LEU B 8 -28.73 0.08 6.01
CA LEU B 8 -27.57 -0.05 6.87
C LEU B 8 -26.67 -1.19 6.42
N GLU B 9 -25.39 -0.86 6.20
CA GLU B 9 -24.29 -1.79 6.01
C GLU B 9 -23.45 -1.82 7.28
N GLN B 10 -23.07 -3.01 7.71
CA GLN B 10 -22.21 -3.19 8.87
C GLN B 10 -21.08 -4.13 8.50
N VAL B 11 -19.90 -3.86 9.01
CA VAL B 11 -18.75 -4.73 8.83
C VAL B 11 -18.06 -4.84 10.17
N LYS B 12 -17.74 -6.06 10.57
CA LYS B 12 -17.15 -6.31 11.89
C LYS B 12 -15.96 -7.23 11.68
N HIS B 13 -14.77 -6.71 11.94
CA HIS B 13 -13.53 -7.48 11.92
C HIS B 13 -13.20 -7.85 13.36
N GLU B 14 -13.38 -9.13 13.69
CA GLU B 14 -13.30 -9.59 15.06
C GLU B 14 -12.05 -10.45 15.26
N CYS B 15 -11.40 -10.25 16.39
CA CYS B 15 -10.27 -11.07 16.81
C CYS B 15 -10.60 -11.70 18.15
N HIS B 16 -10.55 -13.02 18.24
CA HIS B 16 -10.89 -13.74 19.46
C HIS B 16 -9.64 -14.38 20.02
N PHE B 17 -9.30 -14.06 21.26
CA PHE B 17 -8.06 -14.51 21.86
C PHE B 17 -8.33 -15.48 23.00
N PHE B 18 -7.59 -16.58 22.98
CA PHE B 18 -7.65 -17.58 24.03
C PHE B 18 -6.26 -17.80 24.60
N ASN B 19 -6.15 -17.80 25.94
CA ASN B 19 -4.87 -18.01 26.62
C ASN B 19 -3.85 -16.98 26.18
N GLY B 20 -4.29 -15.73 26.11
CA GLY B 20 -3.46 -14.63 25.63
C GLY B 20 -3.43 -14.51 24.13
N THR B 21 -2.34 -14.95 23.50
CA THR B 21 -2.32 -15.06 22.05
C THR B 21 -1.91 -16.46 21.60
N GLU B 22 -1.94 -17.44 22.50
CA GLU B 22 -1.56 -18.79 22.10
C GLU B 22 -2.51 -19.35 21.05
N ARG B 23 -3.80 -19.04 21.15
CA ARG B 23 -4.78 -19.43 20.14
C ARG B 23 -5.59 -18.19 19.78
N VAL B 24 -5.57 -17.82 18.50
CA VAL B 24 -6.29 -16.65 17.99
C VAL B 24 -7.20 -17.08 16.84
N ARG B 25 -8.41 -16.53 16.80
CA ARG B 25 -9.35 -16.76 15.70
C ARG B 25 -9.79 -15.43 15.10
N PHE B 26 -9.75 -15.32 13.77
CA PHE B 26 -10.14 -14.09 13.10
C PHE B 26 -11.41 -14.30 12.28
N LEU B 27 -12.29 -13.30 12.34
CA LEU B 27 -13.56 -13.36 11.61
C LEU B 27 -13.77 -12.05 10.86
N ASP B 28 -14.16 -12.13 9.60
CA ASP B 28 -14.38 -10.97 8.74
C ASP B 28 -15.85 -11.01 8.37
N ARG B 29 -16.65 -10.25 9.10
CA ARG B 29 -18.10 -10.41 9.07
C ARG B 29 -18.75 -9.23 8.37
N TYR B 30 -19.62 -9.51 7.40
CA TYR B 30 -20.32 -8.49 6.63
C TYR B 30 -21.82 -8.64 6.82
N PHE B 31 -22.49 -7.55 7.17
CA PHE B 31 -23.90 -7.54 7.53
C PHE B 31 -24.69 -6.57 6.66
N TYR B 32 -25.98 -6.88 6.52
CA TYR B 32 -26.97 -6.00 5.92
C TYR B 32 -28.20 -6.06 6.82
N HIS B 33 -28.58 -4.92 7.38
CA HIS B 33 -29.70 -4.85 8.31
C HIS B 33 -29.59 -5.92 9.40
N GLN B 34 -28.52 -5.81 10.18
CA GLN B 34 -28.28 -6.65 11.36
C GLN B 34 -28.37 -8.15 11.07
N GLU B 35 -28.11 -8.58 9.84
CA GLU B 35 -28.07 -10.01 9.52
C GLU B 35 -26.77 -10.34 8.82
N GLU B 36 -26.03 -11.32 9.33
CA GLU B 36 -24.74 -11.68 8.76
C GLU B 36 -24.93 -12.39 7.43
N TYR B 37 -24.39 -11.80 6.35
CA TYR B 37 -24.52 -12.31 5.00
C TYR B 37 -23.31 -13.11 4.53
N VAL B 38 -22.11 -12.66 4.81
CA VAL B 38 -20.94 -13.40 4.38
C VAL B 38 -19.90 -13.29 5.48
N ARG B 39 -19.11 -14.34 5.65
CA ARG B 39 -18.18 -14.44 6.76
C ARG B 39 -16.91 -15.16 6.33
N PHE B 40 -15.74 -14.54 6.59
CA PHE B 40 -14.45 -15.23 6.54
C PHE B 40 -14.03 -15.65 7.94
N ASP B 41 -13.61 -16.91 8.07
CA ASP B 41 -13.20 -17.48 9.34
C ASP B 41 -11.81 -18.09 9.25
N SER B 42 -10.96 -17.76 10.24
CA SER B 42 -9.59 -18.21 10.15
C SER B 42 -9.43 -19.73 10.21
N ASP B 43 -10.49 -20.49 10.48
CA ASP B 43 -10.38 -21.95 10.41
C ASP B 43 -10.72 -22.48 9.02
N VAL B 44 -11.81 -22.02 8.42
CA VAL B 44 -12.11 -22.42 7.05
C VAL B 44 -11.12 -21.84 6.05
N GLY B 45 -10.42 -20.77 6.38
CA GLY B 45 -9.42 -20.29 5.45
C GLY B 45 -9.94 -19.52 4.26
N GLU B 46 -11.26 -19.45 4.06
CA GLU B 46 -11.84 -18.67 2.98
C GLU B 46 -13.22 -18.18 3.40
N TYR B 47 -13.87 -17.43 2.51
CA TYR B 47 -15.17 -16.86 2.82
C TYR B 47 -16.29 -17.89 2.63
N ARG B 48 -17.39 -17.68 3.34
CA ARG B 48 -18.55 -18.54 3.27
C ARG B 48 -19.79 -17.66 3.32
N ALA B 49 -20.88 -18.11 2.72
CA ALA B 49 -22.11 -17.33 2.74
C ALA B 49 -23.07 -17.92 3.78
N VAL B 50 -23.42 -17.12 4.82
CA VAL B 50 -24.31 -17.57 5.89
C VAL B 50 -25.76 -17.62 5.40
N THR B 51 -26.15 -16.61 4.62
CA THR B 51 -27.39 -16.56 3.87
C THR B 51 -27.08 -16.66 2.38
N GLU B 52 -28.07 -17.15 1.62
CA GLU B 52 -27.93 -17.23 0.17
C GLU B 52 -27.66 -15.86 -0.46
N LEU B 53 -28.18 -14.78 0.11
CA LEU B 53 -28.01 -13.44 -0.43
C LEU B 53 -26.56 -12.93 -0.38
N GLY B 54 -25.62 -13.72 0.14
CA GLY B 54 -24.24 -13.28 0.18
C GLY B 54 -23.33 -14.27 -0.51
N ARG B 55 -23.95 -15.12 -1.33
CA ARG B 55 -23.21 -16.11 -2.12
C ARG B 55 -22.35 -15.47 -3.20
N PRO B 56 -22.84 -14.44 -3.91
CA PRO B 56 -21.97 -13.84 -4.95
C PRO B 56 -20.69 -13.26 -4.39
N ASP B 57 -20.75 -12.66 -3.21
CA ASP B 57 -19.55 -12.07 -2.64
C ASP B 57 -18.59 -13.16 -2.18
N ALA B 58 -19.10 -14.25 -1.63
CA ALA B 58 -18.20 -15.30 -1.19
C ALA B 58 -17.51 -15.96 -2.38
N GLU B 59 -18.25 -16.23 -3.46
CA GLU B 59 -17.62 -16.82 -4.64
C GLU B 59 -16.56 -15.89 -5.21
N TYR B 60 -16.81 -14.59 -5.15
CA TYR B 60 -15.91 -13.63 -5.78
C TYR B 60 -14.64 -13.46 -4.96
N TRP B 61 -14.76 -13.30 -3.64
CA TRP B 61 -13.56 -13.10 -2.86
C TRP B 61 -12.75 -14.39 -2.74
N ASN B 62 -13.40 -15.54 -2.87
CA ASN B 62 -12.67 -16.80 -2.83
C ASN B 62 -11.88 -17.07 -4.11
N SER B 63 -12.07 -16.27 -5.17
CA SER B 63 -11.34 -16.48 -6.41
C SER B 63 -10.01 -15.74 -6.46
N GLN B 64 -9.75 -14.89 -5.47
CA GLN B 64 -8.57 -14.03 -5.45
C GLN B 64 -7.63 -14.47 -4.36
N LYS B 65 -6.48 -15.03 -4.75
CA LYS B 65 -5.55 -15.52 -3.73
C LYS B 65 -4.94 -14.38 -2.93
N ASP B 66 -4.83 -13.19 -3.52
CA ASP B 66 -4.27 -12.05 -2.81
C ASP B 66 -5.17 -11.62 -1.67
N LEU B 67 -6.48 -11.61 -1.90
CA LEU B 67 -7.39 -11.28 -0.83
C LEU B 67 -7.40 -12.40 0.21
N LEU B 68 -7.37 -13.66 -0.22
CA LEU B 68 -7.37 -14.75 0.75
C LEU B 68 -6.07 -14.77 1.57
N GLU B 69 -4.91 -14.45 0.95
CA GLU B 69 -3.67 -14.52 1.71
C GLU B 69 -3.58 -13.37 2.70
N GLN B 70 -4.29 -12.29 2.42
CA GLN B 70 -4.43 -11.17 3.35
C GLN B 70 -5.25 -11.56 4.59
N LYS B 71 -6.41 -12.21 4.40
CA LYS B 71 -7.24 -12.56 5.55
C LYS B 71 -6.68 -13.76 6.31
N ARG B 72 -6.06 -14.72 5.62
CA ARG B 72 -5.43 -15.83 6.32
C ARG B 72 -4.33 -15.35 7.24
N ALA B 73 -3.67 -14.25 6.89
CA ALA B 73 -2.58 -13.73 7.69
C ALA B 73 -3.04 -12.87 8.87
N ALA B 74 -4.33 -12.51 8.92
CA ALA B 74 -4.80 -11.52 9.89
C ALA B 74 -4.75 -11.97 11.34
N VAL B 75 -4.60 -13.27 11.64
CA VAL B 75 -4.42 -13.63 13.04
C VAL B 75 -3.08 -13.14 13.56
N ASP B 76 -2.09 -13.00 12.68
CA ASP B 76 -0.73 -12.63 13.04
C ASP B 76 -0.45 -11.15 12.79
N THR B 77 -0.93 -10.60 11.68
CA THR B 77 -0.57 -9.23 11.31
C THR B 77 -1.62 -8.23 11.78
N TYR B 78 -2.65 -8.67 12.49
CA TYR B 78 -3.75 -7.78 12.86
C TYR B 78 -4.19 -8.03 14.30
N CYS B 79 -4.62 -9.27 14.53
CA CYS B 79 -5.05 -9.75 15.83
C CYS B 79 -3.89 -9.69 16.81
N ARG B 80 -2.89 -10.57 16.69
CA ARG B 80 -1.76 -10.50 17.62
C ARG B 80 -1.06 -9.15 17.59
N HIS B 81 -1.12 -8.42 16.47
CA HIS B 81 -0.52 -7.10 16.45
C HIS B 81 -1.28 -6.13 17.35
N ASN B 82 -2.58 -5.96 17.12
CA ASN B 82 -3.32 -4.98 17.91
C ASN B 82 -3.45 -5.40 19.38
N TYR B 83 -3.38 -6.70 19.66
CA TYR B 83 -3.33 -7.16 21.04
C TYR B 83 -2.12 -6.61 21.76
N GLY B 84 -0.96 -6.65 21.12
CA GLY B 84 0.24 -6.12 21.75
C GLY B 84 0.28 -4.62 21.86
N VAL B 85 -0.37 -3.91 20.93
CA VAL B 85 -0.36 -2.45 20.95
C VAL B 85 -1.07 -1.93 22.19
N GLY B 86 -2.25 -2.47 22.49
CA GLY B 86 -3.05 -2.01 23.61
C GLY B 86 -2.94 -2.82 24.87
N GLU B 87 -2.06 -3.84 24.89
CA GLU B 87 -1.99 -4.78 26.00
C GLU B 87 -1.86 -4.08 27.35
N SER B 88 -0.98 -3.08 27.44
CA SER B 88 -0.66 -2.52 28.75
C SER B 88 -1.85 -1.79 29.37
N PHE B 89 -2.71 -1.19 28.55
CA PHE B 89 -3.82 -0.42 29.09
C PHE B 89 -5.20 -1.05 28.86
N THR B 90 -5.24 -2.30 28.39
CA THR B 90 -6.51 -3.00 28.17
C THR B 90 -6.52 -4.32 28.92
N VAL B 91 -5.72 -5.29 28.45
CA VAL B 91 -5.73 -6.58 29.11
C VAL B 91 -5.09 -6.47 30.50
N GLN B 92 -4.19 -5.51 30.70
CA GLN B 92 -3.54 -5.34 32.00
C GLN B 92 -4.14 -4.24 32.84
N ARG B 93 -5.18 -3.58 32.34
CA ARG B 93 -5.81 -2.51 33.08
C ARG B 93 -6.43 -3.08 34.36
N ARG B 94 -6.13 -2.42 35.49
CA ARG B 94 -6.63 -2.79 36.80
C ARG B 94 -7.12 -1.53 37.50
N VAL B 95 -8.40 -1.48 37.85
CA VAL B 95 -9.01 -0.40 38.62
C VAL B 95 -9.79 -0.98 39.79
N TYR B 96 -9.55 -0.43 41.02
CA TYR B 96 -10.25 -1.01 42.17
C TYR B 96 -11.55 -0.27 42.48
N PRO B 97 -12.57 -0.99 42.95
CA PRO B 97 -13.88 -0.39 43.20
C PRO B 97 -14.01 0.23 44.58
N GLU B 98 -14.92 1.20 44.69
CA GLU B 98 -15.38 1.71 45.98
C GLU B 98 -16.60 0.90 46.43
N VAL B 99 -16.53 0.36 47.64
CA VAL B 99 -17.62 -0.45 48.17
C VAL B 99 -18.39 0.35 49.19
N THR B 100 -19.72 0.21 49.16
CA THR B 100 -20.62 0.87 50.08
C THR B 100 -21.76 -0.08 50.45
N VAL B 101 -22.04 -0.23 51.73
CA VAL B 101 -23.09 -1.12 52.21
C VAL B 101 -24.19 -0.28 52.85
N TYR B 102 -25.44 -0.50 52.45
CA TYR B 102 -26.46 0.29 53.12
C TYR B 102 -27.78 -0.47 53.12
N PRO B 103 -28.59 -0.31 54.17
CA PRO B 103 -29.90 -0.95 54.19
C PRO B 103 -30.90 -0.16 53.38
N ALA B 104 -31.84 -0.88 52.80
CA ALA B 104 -32.82 -0.29 51.88
C ALA B 104 -33.90 0.51 52.59
N LYS B 105 -34.17 0.25 53.87
CA LYS B 105 -35.24 0.93 54.57
C LYS B 105 -34.77 1.26 55.98
N THR B 106 -35.02 2.49 56.41
CA THR B 106 -34.80 2.88 57.79
C THR B 106 -36.02 2.40 58.58
N GLN B 107 -35.88 1.33 59.35
CA GLN B 107 -37.03 0.75 60.02
C GLN B 107 -36.55 -0.09 61.21
N PRO B 108 -37.47 -0.57 62.04
CA PRO B 108 -37.05 -1.32 63.23
C PRO B 108 -36.44 -2.67 62.93
N LEU B 109 -35.71 -3.17 63.91
CA LEU B 109 -35.13 -4.50 63.82
C LEU B 109 -36.22 -5.56 63.88
N GLN B 110 -35.83 -6.78 63.51
CA GLN B 110 -36.71 -7.93 63.38
C GLN B 110 -37.74 -7.75 62.27
N HIS B 111 -37.76 -6.60 61.58
CA HIS B 111 -38.51 -6.47 60.34
C HIS B 111 -37.65 -6.91 59.17
N HIS B 112 -38.32 -7.41 58.13
CA HIS B 112 -37.64 -7.79 56.89
C HIS B 112 -36.93 -6.60 56.25
N ASN B 113 -35.74 -6.84 55.72
CA ASN B 113 -34.96 -5.76 55.15
C ASN B 113 -34.12 -6.31 54.00
N LEU B 114 -33.51 -5.39 53.27
CA LEU B 114 -32.71 -5.71 52.09
C LEU B 114 -31.41 -4.93 52.18
N LEU B 115 -30.32 -5.66 52.29
CA LEU B 115 -29.01 -5.08 52.53
C LEU B 115 -28.27 -4.98 51.21
N VAL B 116 -27.94 -3.76 50.81
CA VAL B 116 -27.34 -3.51 49.51
C VAL B 116 -25.83 -3.36 49.67
N CYS B 117 -25.06 -4.19 48.94
CA CYS B 117 -23.61 -4.02 48.79
C CYS B 117 -23.33 -3.44 47.41
N SER B 118 -23.02 -2.14 47.34
CA SER B 118 -22.79 -1.44 46.08
C SER B 118 -21.30 -1.46 45.77
N VAL B 119 -20.90 -2.07 44.66
CA VAL B 119 -19.50 -2.12 44.23
C VAL B 119 -19.39 -1.30 42.96
N ASN B 120 -18.66 -0.20 43.03
CA ASN B 120 -18.67 0.74 41.94
C ASN B 120 -17.24 1.01 41.46
N GLY B 121 -17.07 1.04 40.15
CA GLY B 121 -15.81 1.43 39.53
C GLY B 121 -14.65 0.45 39.56
N PHE B 122 -14.83 -0.77 39.06
CA PHE B 122 -13.72 -1.71 38.93
C PHE B 122 -13.52 -2.07 37.46
N TYR B 123 -12.29 -2.51 37.13
CA TYR B 123 -11.97 -3.07 35.81
C TYR B 123 -10.84 -4.07 36.01
N PRO B 124 -10.92 -5.27 35.41
CA PRO B 124 -12.01 -5.80 34.59
C PRO B 124 -13.23 -6.25 35.37
N GLY B 125 -14.12 -6.87 34.60
CA GLY B 125 -15.38 -7.39 35.10
C GLY B 125 -15.26 -8.56 36.04
N SER B 126 -14.19 -9.36 35.95
CA SER B 126 -14.04 -10.48 36.89
C SER B 126 -14.02 -10.07 38.35
N ILE B 127 -15.09 -10.31 39.08
CA ILE B 127 -15.15 -9.95 40.49
C ILE B 127 -16.00 -10.95 41.24
N GLU B 128 -15.67 -11.21 42.51
CA GLU B 128 -16.50 -12.07 43.35
C GLU B 128 -16.95 -11.30 44.59
N VAL B 129 -18.26 -11.30 44.85
CA VAL B 129 -18.85 -10.55 45.95
C VAL B 129 -19.62 -11.53 46.85
N ARG B 130 -19.28 -11.54 48.15
CA ARG B 130 -19.89 -12.42 49.13
C ARG B 130 -20.53 -11.62 50.27
N TRP B 131 -21.42 -12.29 51.00
CA TRP B 131 -22.08 -11.76 52.19
C TRP B 131 -21.87 -12.67 53.39
N PHE B 132 -21.77 -12.06 54.57
CA PHE B 132 -21.49 -12.80 55.80
C PHE B 132 -22.39 -12.28 56.92
N ARG B 133 -23.13 -13.19 57.55
CA ARG B 133 -23.95 -12.90 58.71
C ARG B 133 -23.16 -13.43 59.90
N ASN B 134 -22.67 -12.52 60.73
CA ASN B 134 -21.90 -12.86 61.92
C ASN B 134 -20.79 -13.87 61.61
N GLY B 135 -20.05 -13.64 60.52
CA GLY B 135 -18.91 -14.49 60.20
C GLY B 135 -19.22 -15.73 59.41
N GLN B 136 -20.49 -16.01 59.13
CA GLN B 136 -20.86 -17.15 58.31
C GLN B 136 -21.37 -16.66 56.96
N GLU B 137 -20.76 -17.16 55.89
CA GLU B 137 -21.18 -16.76 54.55
C GLU B 137 -22.61 -17.20 54.31
N GLU B 138 -23.37 -16.32 53.65
CA GLU B 138 -24.77 -16.56 53.36
C GLU B 138 -25.00 -16.52 51.86
N LYS B 139 -25.29 -17.68 51.28
CA LYS B 139 -25.57 -17.85 49.87
C LYS B 139 -27.05 -17.97 49.55
N THR B 140 -27.93 -18.01 50.54
CA THR B 140 -29.35 -17.93 50.25
C THR B 140 -29.81 -16.48 50.44
N GLY B 141 -30.85 -16.11 49.70
CA GLY B 141 -31.39 -14.76 49.78
C GLY B 141 -30.54 -13.69 49.13
N VAL B 142 -29.56 -14.08 48.32
CA VAL B 142 -28.70 -13.13 47.63
C VAL B 142 -29.24 -12.92 46.23
N VAL B 143 -29.21 -11.67 45.78
CA VAL B 143 -29.66 -11.29 44.44
C VAL B 143 -28.71 -10.24 43.89
N SER B 144 -28.25 -10.46 42.67
CA SER B 144 -27.27 -9.58 42.07
C SER B 144 -27.83 -8.98 40.79
N THR B 145 -27.48 -7.72 40.54
CA THR B 145 -27.86 -7.10 39.28
C THR B 145 -27.02 -7.58 38.11
N GLY B 146 -25.97 -8.38 38.34
CA GLY B 146 -25.04 -8.68 37.27
C GLY B 146 -24.01 -7.56 37.17
N LEU B 147 -23.27 -7.58 36.06
CA LEU B 147 -22.28 -6.53 35.79
C LEU B 147 -22.94 -5.39 35.05
N ILE B 148 -22.67 -4.16 35.48
CA ILE B 148 -23.19 -3.00 34.77
C ILE B 148 -22.01 -2.25 34.19
N GLN B 149 -21.98 -2.14 32.87
CA GLN B 149 -20.97 -1.33 32.22
C GLN B 149 -21.36 0.14 32.32
N ASN B 150 -20.45 0.98 32.82
CA ASN B 150 -20.71 2.40 32.81
C ASN B 150 -20.30 3.07 31.50
N GLY B 151 -19.73 2.31 30.55
CA GLY B 151 -19.35 2.86 29.26
C GLY B 151 -18.08 3.66 29.26
N ASP B 152 -17.31 3.62 30.34
CA ASP B 152 -16.12 4.43 30.49
C ASP B 152 -14.93 3.59 30.92
N TRP B 153 -14.98 2.28 30.66
CA TRP B 153 -13.97 1.31 31.10
C TRP B 153 -13.98 1.12 32.61
N THR B 154 -15.16 1.30 33.25
CA THR B 154 -15.45 0.79 34.59
C THR B 154 -16.81 0.09 34.62
N PHE B 155 -16.92 -0.93 35.49
CA PHE B 155 -18.14 -1.67 35.79
C PHE B 155 -18.71 -1.25 37.13
N GLN B 156 -20.00 -1.52 37.34
CA GLN B 156 -20.54 -1.55 38.70
C GLN B 156 -21.46 -2.76 38.88
N THR B 157 -21.71 -3.08 40.16
CA THR B 157 -22.64 -4.16 40.50
C THR B 157 -23.22 -3.93 41.91
N LEU B 158 -24.49 -4.32 42.08
CA LEU B 158 -25.17 -4.34 43.39
C LEU B 158 -25.52 -5.78 43.79
N VAL B 159 -24.93 -6.27 44.88
CA VAL B 159 -25.29 -7.58 45.43
C VAL B 159 -26.13 -7.36 46.68
N MET B 160 -27.44 -7.60 46.59
CA MET B 160 -28.38 -7.35 47.67
C MET B 160 -28.62 -8.61 48.49
N LEU B 161 -28.80 -8.41 49.80
CA LEU B 161 -29.08 -9.51 50.72
C LEU B 161 -30.44 -9.33 51.38
N GLU B 162 -31.34 -10.29 51.18
CA GLU B 162 -32.57 -10.38 51.97
C GLU B 162 -32.29 -10.97 53.33
N THR B 163 -32.65 -10.25 54.40
CA THR B 163 -32.47 -10.83 55.72
C THR B 163 -33.41 -10.17 56.71
N VAL B 164 -33.60 -10.80 57.86
CA VAL B 164 -34.31 -10.15 58.95
C VAL B 164 -33.32 -9.74 60.03
N PRO B 165 -32.95 -8.46 60.13
CA PRO B 165 -31.85 -8.10 61.03
C PRO B 165 -32.24 -8.17 62.50
N ARG B 166 -31.32 -8.68 63.31
CA ARG B 166 -31.48 -8.81 64.75
C ARG B 166 -30.33 -8.11 65.46
N SER B 167 -30.59 -7.73 66.71
CA SER B 167 -29.62 -6.99 67.50
C SER B 167 -28.33 -7.77 67.64
N GLY B 168 -27.20 -7.06 67.50
CA GLY B 168 -25.92 -7.68 67.68
C GLY B 168 -25.38 -8.34 66.44
N GLU B 169 -26.15 -8.36 65.36
CA GLU B 169 -25.72 -8.97 64.10
C GLU B 169 -24.81 -8.03 63.35
N VAL B 170 -23.75 -8.59 62.79
CA VAL B 170 -22.78 -7.86 61.99
C VAL B 170 -22.76 -8.49 60.60
N TYR B 171 -23.29 -7.79 59.62
CA TYR B 171 -23.27 -8.26 58.24
C TYR B 171 -22.08 -7.69 57.50
N THR B 172 -21.37 -8.56 56.78
CA THR B 172 -20.16 -8.16 56.07
C THR B 172 -20.27 -8.49 54.58
N CYS B 173 -20.06 -7.47 53.75
CA CYS B 173 -19.81 -7.63 52.32
C CYS B 173 -18.32 -7.81 52.04
N GLN B 174 -17.96 -8.88 51.32
CA GLN B 174 -16.58 -9.14 50.93
C GLN B 174 -16.42 -9.15 49.41
N VAL B 175 -15.47 -8.35 48.90
CA VAL B 175 -15.25 -8.16 47.47
C VAL B 175 -13.86 -8.66 47.08
N GLU B 176 -13.79 -9.54 46.09
CA GLU B 176 -12.51 -10.02 45.57
C GLU B 176 -12.37 -9.63 44.11
N HIS B 177 -11.22 -9.04 43.77
CA HIS B 177 -10.99 -8.43 42.47
C HIS B 177 -9.51 -8.47 42.16
N PRO B 178 -9.14 -8.57 40.88
CA PRO B 178 -7.71 -8.70 40.54
C PRO B 178 -6.94 -7.44 40.82
N SER B 179 -7.61 -6.30 40.83
CA SER B 179 -6.90 -5.08 41.13
C SER B 179 -6.49 -4.99 42.61
N LEU B 180 -6.81 -5.98 43.45
CA LEU B 180 -6.55 -5.96 44.89
C LEU B 180 -5.82 -7.23 45.31
N THR B 181 -4.72 -7.07 46.03
CA THR B 181 -4.02 -8.24 46.54
C THR B 181 -4.72 -8.87 47.74
N SER B 182 -5.58 -8.12 48.44
CA SER B 182 -6.29 -8.67 49.58
C SER B 182 -7.78 -8.39 49.44
N PRO B 183 -8.65 -9.26 49.96
CA PRO B 183 -10.10 -9.05 49.82
C PRO B 183 -10.55 -7.77 50.50
N LEU B 184 -11.57 -7.16 49.92
CA LEU B 184 -12.13 -5.92 50.45
C LEU B 184 -13.39 -6.26 51.26
N THR B 185 -13.42 -5.85 52.53
CA THR B 185 -14.54 -6.14 53.43
C THR B 185 -15.13 -4.83 53.98
N VAL B 186 -16.46 -4.74 53.99
CA VAL B 186 -17.19 -3.61 54.55
C VAL B 186 -18.32 -4.18 55.42
N GLU B 187 -18.35 -3.80 56.70
CA GLU B 187 -19.33 -4.32 57.65
C GLU B 187 -20.52 -3.40 57.80
N TRP B 188 -21.65 -3.97 58.20
CA TRP B 188 -22.83 -3.18 58.57
C TRP B 188 -23.31 -3.63 59.95
N ARG B 189 -23.42 -2.69 60.90
CA ARG B 189 -23.87 -3.00 62.25
C ARG B 189 -25.39 -2.97 62.31
N ALA B 190 -25.98 -4.04 62.85
CA ALA B 190 -27.42 -3.98 63.09
C ALA B 190 -27.76 -3.01 64.22
N GLY B 191 -27.05 -3.09 65.35
CA GLY B 191 -27.24 -2.12 66.43
C GLY B 191 -28.22 -2.62 67.50
N SER B 192 -29.15 -1.74 67.91
CA SER B 192 -30.05 -1.96 69.07
C SER B 192 -30.80 -3.27 68.96
N GLY C 1 3.44 2.16 19.56
CA GLY C 1 2.33 1.32 19.14
C GLY C 1 1.30 1.96 18.22
N VAL C 2 1.14 1.37 17.04
CA VAL C 2 0.20 1.84 16.02
C VAL C 2 -0.79 0.72 15.74
N TYR C 3 -2.09 1.01 15.90
CA TYR C 3 -3.12 0.04 15.56
C TYR C 3 -3.26 -0.12 14.04
N ALA C 4 -3.47 -1.36 13.62
CA ALA C 4 -3.69 -1.76 12.24
C ALA C 4 -5.18 -1.71 11.90
N THR C 5 -5.46 -1.72 10.59
CA THR C 5 -6.81 -1.66 10.02
C THR C 5 -6.96 -2.81 9.03
N SER C 7 -8.82 -4.26 6.24
CA SER C 7 -9.66 -3.66 5.19
C SER C 7 -10.95 -4.42 4.95
N SER C 8 -11.98 -3.71 4.47
CA SER C 8 -13.19 -4.35 4.01
C SER C 8 -13.03 -4.81 2.56
N ALA C 9 -13.28 -6.11 2.31
CA ALA C 9 -13.29 -6.65 0.95
C ALA C 9 -14.33 -5.95 0.09
N VAL C 10 -13.92 -5.53 -1.11
CA VAL C 10 -14.78 -4.75 -2.00
C VAL C 10 -15.76 -5.67 -2.74
N ARG C 11 -17.04 -5.27 -2.77
CA ARG C 11 -18.03 -6.02 -3.55
C ARG C 11 -17.78 -5.86 -5.04
N LEU C 12 -18.00 -6.94 -5.77
CA LEU C 12 -17.85 -6.90 -7.22
C LEU C 12 -18.90 -5.99 -7.85
N ARG C 13 -18.50 -5.32 -8.93
CA ARG C 13 -19.39 -4.44 -9.69
C ARG C 13 -19.98 -3.34 -8.82
N GLY D 1 10.23 7.39 8.72
CA GLY D 1 9.39 8.42 8.15
C GLY D 1 8.44 7.95 7.07
N ASP D 2 8.25 6.63 6.99
CA ASP D 2 7.54 5.94 5.90
C ASP D 2 8.28 6.07 4.58
N SER D 3 9.31 5.26 4.40
CA SER D 3 10.19 5.38 3.24
C SER D 3 10.92 4.06 3.03
N VAL D 4 11.69 4.01 1.94
CA VAL D 4 12.50 2.86 1.58
C VAL D 4 13.82 3.41 1.02
N THR D 5 14.91 2.71 1.31
CA THR D 5 16.19 3.02 0.70
C THR D 5 16.85 1.71 0.30
N GLN D 6 17.52 1.69 -0.85
CA GLN D 6 18.18 0.48 -1.33
C GLN D 6 19.53 0.86 -1.94
N THR D 7 20.19 -0.13 -2.52
CA THR D 7 21.51 0.08 -3.12
C THR D 7 21.45 1.13 -4.22
N GLU D 8 22.37 2.09 -4.16
CA GLU D 8 22.37 3.21 -5.08
C GLU D 8 23.11 2.84 -6.37
N GLY D 9 22.55 3.28 -7.49
CA GLY D 9 23.27 3.18 -8.75
C GLY D 9 23.17 1.79 -9.34
N GLN D 10 24.33 1.23 -9.68
CA GLN D 10 24.41 0.01 -10.43
C GLN D 10 25.20 -1.03 -9.66
N VAL D 11 24.89 -2.29 -9.91
CA VAL D 11 25.63 -3.42 -9.36
C VAL D 11 25.98 -4.35 -10.50
N THR D 12 27.24 -4.76 -10.57
CA THR D 12 27.73 -5.63 -11.61
C THR D 12 28.26 -6.91 -10.99
N VAL D 13 27.67 -8.05 -11.38
CA VAL D 13 28.12 -9.35 -10.91
C VAL D 13 28.38 -10.24 -12.12
N SER D 14 29.21 -11.24 -11.91
CA SER D 14 29.50 -12.23 -12.95
C SER D 14 28.39 -13.28 -13.01
N GLU D 15 28.21 -13.82 -14.21
CA GLU D 15 27.19 -14.85 -14.41
C GLU D 15 27.46 -16.08 -13.53
N SER D 16 26.38 -16.62 -12.96
CA SER D 16 26.44 -17.76 -12.05
C SER D 16 27.26 -17.44 -10.79
N LYS D 17 26.93 -16.33 -10.17
CA LYS D 17 27.61 -15.91 -8.96
C LYS D 17 26.60 -15.21 -8.06
N SER D 18 26.92 -15.17 -6.77
CA SER D 18 25.96 -14.67 -5.80
C SER D 18 25.70 -13.19 -6.00
N LEU D 19 24.49 -12.78 -5.65
CA LEU D 19 24.05 -11.39 -5.71
C LEU D 19 23.30 -11.07 -4.43
N ILE D 20 23.48 -9.85 -3.92
CA ILE D 20 22.74 -9.35 -2.76
C ILE D 20 22.42 -7.88 -3.01
N ILE D 21 21.14 -7.52 -3.04
CA ILE D 21 20.71 -6.15 -3.28
C ILE D 21 20.05 -5.63 -2.01
N ASN D 22 20.78 -4.81 -1.27
CA ASN D 22 20.25 -4.37 0.01
C ASN D 22 19.00 -3.52 -0.16
N CYS D 23 18.16 -3.57 0.89
CA CYS D 23 16.98 -2.75 1.03
C CYS D 23 16.59 -2.70 2.51
N THR D 24 16.16 -1.53 2.96
CA THR D 24 15.65 -1.31 4.30
C THR D 24 14.52 -0.30 4.21
N TYR D 25 13.78 -0.18 5.30
CA TYR D 25 12.55 0.60 5.32
C TYR D 25 12.34 1.21 6.70
N SER D 26 11.61 2.32 6.73
CA SER D 26 11.24 2.96 7.97
C SER D 26 9.73 3.20 7.92
N THR D 27 9.16 3.43 9.09
CA THR D 27 7.72 3.50 9.23
C THR D 27 7.37 4.48 10.32
N THR D 28 6.36 5.31 10.05
CA THR D 28 5.76 6.19 11.05
C THR D 28 4.24 6.01 11.06
N SER D 29 3.60 6.07 9.88
CA SER D 29 2.15 5.94 9.78
C SER D 29 1.66 4.54 9.40
N ILE D 30 2.49 3.73 8.74
CA ILE D 30 2.11 2.38 8.30
C ILE D 30 2.16 1.46 9.51
N ALA D 31 1.02 0.85 9.86
CA ALA D 31 0.99 0.11 11.12
C ALA D 31 1.66 -1.26 10.99
N TYR D 32 1.37 -1.96 9.90
CA TYR D 32 1.97 -3.27 9.66
C TYR D 32 2.36 -3.33 8.19
N PRO D 33 3.64 -3.22 7.88
CA PRO D 33 4.03 -3.11 6.48
C PRO D 33 4.06 -4.44 5.79
N ASN D 34 3.78 -4.37 4.50
CA ASN D 34 4.05 -5.44 3.56
C ASN D 34 5.15 -4.97 2.62
N LEU D 35 5.97 -5.93 2.19
CA LEU D 35 7.18 -5.67 1.46
C LEU D 35 7.16 -6.37 0.10
N PHE D 36 7.56 -5.63 -0.92
CA PHE D 36 7.48 -6.07 -2.32
C PHE D 36 8.80 -5.82 -3.02
N TRP D 37 9.14 -6.70 -3.96
CA TRP D 37 10.19 -6.45 -4.93
C TRP D 37 9.57 -6.41 -6.34
N TYR D 38 9.89 -5.37 -7.10
CA TYR D 38 9.45 -5.21 -8.48
C TYR D 38 10.64 -5.18 -9.43
N VAL D 39 10.48 -5.82 -10.59
CA VAL D 39 11.54 -5.90 -11.59
C VAL D 39 11.09 -5.16 -12.84
N ARG D 40 12.04 -4.47 -13.49
CA ARG D 40 11.81 -3.79 -14.77
C ARG D 40 12.90 -4.22 -15.72
N TYR D 41 12.57 -5.15 -16.61
CA TYR D 41 13.49 -5.58 -17.63
C TYR D 41 13.69 -4.48 -18.68
N PRO D 42 14.79 -4.54 -19.45
CA PRO D 42 15.08 -3.45 -20.39
C PRO D 42 13.98 -3.29 -21.44
N GLY D 43 13.49 -2.06 -21.58
CA GLY D 43 12.43 -1.80 -22.54
C GLY D 43 11.07 -2.32 -22.15
N GLU D 44 10.80 -2.42 -20.85
CA GLU D 44 9.56 -2.97 -20.34
C GLU D 44 9.12 -2.12 -19.15
N GLY D 45 7.93 -2.39 -18.65
CA GLY D 45 7.45 -1.78 -17.43
C GLY D 45 7.70 -2.66 -16.20
N LEU D 46 7.59 -2.03 -15.03
CA LEU D 46 7.71 -2.74 -13.77
C LEU D 46 6.65 -3.81 -13.64
N GLN D 47 7.06 -5.00 -13.20
CA GLN D 47 6.15 -6.06 -12.79
C GLN D 47 6.59 -6.60 -11.44
N LEU D 48 5.64 -7.19 -10.72
CA LEU D 48 5.94 -7.79 -9.43
C LEU D 48 6.89 -8.97 -9.58
N LEU D 49 7.85 -9.07 -8.66
CA LEU D 49 8.74 -10.22 -8.62
C LEU D 49 8.54 -11.03 -7.35
N LEU D 50 8.75 -10.43 -6.19
CA LEU D 50 8.62 -11.08 -4.89
C LEU D 50 7.63 -10.28 -4.07
N LYS D 51 7.19 -10.88 -2.98
CA LYS D 51 6.16 -10.26 -2.17
C LYS D 51 6.12 -11.04 -0.88
N VAL D 52 6.27 -10.38 0.28
CA VAL D 52 6.09 -11.02 1.59
C VAL D 52 5.21 -10.14 2.46
N ILE D 53 4.17 -10.73 3.07
CA ILE D 53 3.21 -9.97 3.87
C ILE D 53 3.27 -10.28 5.36
N THR D 54 4.11 -11.22 5.80
CA THR D 54 4.09 -11.68 7.17
C THR D 54 5.48 -11.65 7.78
N ALA D 55 5.56 -11.10 9.01
CA ALA D 55 6.79 -11.02 9.79
C ALA D 55 7.63 -12.28 9.76
N GLY D 56 8.89 -12.12 9.35
CA GLY D 56 9.85 -13.21 9.39
C GLY D 56 9.71 -14.28 8.33
N GLN D 57 8.77 -14.12 7.39
CA GLN D 57 8.56 -15.06 6.29
C GLN D 57 9.39 -14.69 5.06
N LYS D 58 9.72 -15.70 4.26
CA LYS D 58 10.57 -15.56 3.10
C LYS D 58 9.77 -15.81 1.83
N GLY D 59 9.93 -14.94 0.85
CA GLY D 59 9.30 -15.12 -0.46
C GLY D 59 10.34 -15.37 -1.53
N SER D 60 9.99 -16.24 -2.49
CA SER D 60 10.95 -16.66 -3.51
C SER D 60 10.30 -16.75 -4.88
N SER D 61 11.01 -16.28 -5.89
CA SER D 61 10.51 -16.32 -7.26
C SER D 61 11.70 -16.17 -8.20
N ARG D 62 11.76 -17.04 -9.22
CA ARG D 62 12.77 -16.98 -10.30
C ARG D 62 14.19 -17.02 -9.76
N GLY D 63 14.42 -17.84 -8.73
CA GLY D 63 15.74 -17.97 -8.13
C GLY D 63 16.09 -16.95 -7.07
N PHE D 64 15.34 -15.84 -7.00
CA PHE D 64 15.51 -14.81 -6.01
C PHE D 64 14.78 -15.18 -4.72
N GLU D 65 15.20 -14.54 -3.62
CA GLU D 65 14.50 -14.69 -2.36
C GLU D 65 14.75 -13.45 -1.51
N ALA D 66 13.76 -13.09 -0.69
CA ALA D 66 13.89 -11.99 0.24
C ALA D 66 13.13 -12.34 1.53
N THR D 67 13.71 -11.97 2.68
CA THR D 67 13.09 -12.24 3.98
C THR D 67 12.65 -10.93 4.63
N TYR D 68 11.35 -10.78 4.85
CA TYR D 68 10.78 -9.70 5.65
C TYR D 68 11.34 -9.77 7.06
N ASN D 69 12.40 -9.06 7.34
CA ASN D 69 13.04 -9.14 8.65
C ASN D 69 12.68 -7.88 9.42
N LYS D 70 11.90 -8.05 10.48
CA LYS D 70 11.53 -6.93 11.34
C LYS D 70 12.62 -6.59 12.34
N GLU D 71 13.47 -7.55 12.72
CA GLU D 71 14.55 -7.24 13.65
C GLU D 71 15.58 -6.32 13.01
N THR D 72 15.93 -6.55 11.75
CA THR D 72 16.85 -5.64 11.06
C THR D 72 16.14 -4.60 10.18
N THR D 73 14.82 -4.68 10.04
CA THR D 73 14.05 -3.72 9.26
C THR D 73 14.52 -3.68 7.81
N SER D 74 14.72 -4.87 7.27
CA SER D 74 15.26 -5.02 5.94
C SER D 74 14.43 -6.05 5.18
N PHE D 75 14.81 -6.21 3.93
CA PHE D 75 14.16 -7.07 2.95
C PHE D 75 15.16 -7.29 1.82
N HIS D 76 16.34 -7.82 2.13
CA HIS D 76 17.39 -7.89 1.12
C HIS D 76 17.06 -8.96 0.09
N LEU D 77 17.31 -8.61 -1.18
CA LEU D 77 17.11 -9.51 -2.30
C LEU D 77 18.40 -10.29 -2.56
N GLN D 78 18.29 -11.61 -2.66
CA GLN D 78 19.43 -12.50 -2.82
C GLN D 78 19.18 -13.51 -3.92
N LYS D 79 20.28 -14.01 -4.51
CA LYS D 79 20.20 -15.07 -5.50
C LYS D 79 21.55 -15.77 -5.56
N ALA D 80 21.53 -17.10 -5.59
CA ALA D 80 22.77 -17.86 -5.53
C ALA D 80 23.54 -17.78 -6.83
N SER D 81 22.86 -17.92 -7.96
CA SER D 81 23.52 -18.01 -9.26
C SER D 81 22.68 -17.20 -10.25
N VAL D 82 23.09 -15.96 -10.50
CA VAL D 82 22.38 -15.09 -11.44
C VAL D 82 22.66 -15.54 -12.86
N GLN D 83 21.65 -15.42 -13.71
CA GLN D 83 21.77 -15.66 -15.14
C GLN D 83 21.86 -14.32 -15.88
N GLU D 84 22.25 -14.40 -17.15
CA GLU D 84 22.35 -13.20 -17.97
C GLU D 84 20.99 -12.53 -18.20
N SER D 85 19.88 -13.29 -18.15
CA SER D 85 18.52 -12.77 -18.29
C SER D 85 18.02 -12.02 -17.05
N ASP D 86 18.81 -11.95 -15.99
CA ASP D 86 18.40 -11.20 -14.81
C ASP D 86 18.81 -9.74 -14.84
N SER D 87 19.55 -9.31 -15.87
CA SER D 87 19.95 -7.92 -15.99
C SER D 87 18.72 -7.04 -16.18
N ALA D 88 18.40 -6.26 -15.16
CA ALA D 88 17.22 -5.42 -15.14
C ALA D 88 17.39 -4.41 -14.02
N VAL D 89 16.35 -3.62 -13.78
CA VAL D 89 16.28 -2.71 -12.63
C VAL D 89 15.29 -3.27 -11.61
N TYR D 90 15.75 -3.42 -10.37
CA TYR D 90 14.96 -3.97 -9.27
C TYR D 90 14.57 -2.85 -8.32
N TYR D 91 13.28 -2.81 -7.95
CA TYR D 91 12.73 -1.79 -7.06
C TYR D 91 12.20 -2.43 -5.80
N CYS D 92 12.45 -1.78 -4.66
CA CYS D 92 11.95 -2.23 -3.36
C CYS D 92 10.74 -1.38 -3.01
N ALA D 93 9.60 -2.00 -2.71
CA ALA D 93 8.41 -1.21 -2.43
C ALA D 93 7.79 -1.60 -1.09
N LEU D 94 7.09 -0.66 -0.48
CA LEU D 94 6.58 -0.80 0.88
C LEU D 94 5.12 -0.38 0.93
N GLY D 95 4.27 -1.27 1.46
CA GLY D 95 2.89 -0.94 1.70
C GLY D 95 2.40 -1.26 3.10
N ASP D 96 1.08 -1.31 3.27
CA ASP D 96 0.50 -1.67 4.55
C ASP D 96 -0.40 -2.88 4.38
N HIS D 97 -0.58 -3.63 5.48
CA HIS D 97 -1.34 -4.88 5.37
C HIS D 97 -2.79 -4.62 5.02
N SER D 98 -3.34 -3.49 5.47
CA SER D 98 -4.69 -3.09 5.10
C SER D 98 -4.89 -2.97 3.59
N GLY D 99 -3.84 -2.65 2.82
CA GLY D 99 -3.99 -2.39 1.41
C GLY D 99 -4.40 -0.98 1.05
N SER D 100 -4.52 -0.07 2.01
CA SER D 100 -5.01 1.28 1.79
C SER D 100 -3.92 2.32 1.49
N TRP D 101 -2.64 2.00 1.66
CA TRP D 101 -1.55 2.96 1.42
C TRP D 101 -0.90 2.67 0.08
N GLN D 102 -0.77 3.70 -0.75
CA GLN D 102 -0.12 3.51 -2.04
C GLN D 102 1.31 3.05 -1.84
N LEU D 103 1.77 2.20 -2.75
CA LEU D 103 3.07 1.60 -2.63
C LEU D 103 4.16 2.67 -2.57
N ILE D 104 5.11 2.48 -1.67
CA ILE D 104 6.26 3.38 -1.57
C ILE D 104 7.40 2.62 -2.25
N PHE D 105 7.76 3.05 -3.46
CA PHE D 105 8.86 2.46 -4.22
C PHE D 105 10.19 3.09 -3.82
N GLY D 106 11.23 2.27 -3.89
CA GLY D 106 12.58 2.75 -3.70
C GLY D 106 13.14 3.39 -4.96
N SER D 107 14.41 3.82 -4.87
CA SER D 107 15.02 4.51 -6.00
C SER D 107 15.31 3.55 -7.14
N GLY D 108 15.52 2.29 -6.82
CA GLY D 108 15.73 1.27 -7.83
C GLY D 108 17.22 1.01 -7.95
N THR D 109 17.62 -0.25 -7.98
CA THR D 109 19.01 -0.63 -8.18
C THR D 109 19.11 -1.25 -9.56
N GLN D 110 20.08 -0.80 -10.35
CA GLN D 110 20.28 -1.37 -11.68
C GLN D 110 21.29 -2.51 -11.62
N LEU D 111 20.88 -3.68 -12.12
CA LEU D 111 21.73 -4.87 -12.17
C LEU D 111 22.06 -5.20 -13.61
N THR D 112 23.35 -5.26 -13.92
CA THR D 112 23.85 -5.79 -15.18
C THR D 112 24.79 -6.94 -14.86
N VAL D 113 24.43 -8.15 -15.30
CA VAL D 113 25.26 -9.34 -15.11
C VAL D 113 25.99 -9.63 -16.41
N MET D 114 27.33 -9.59 -16.37
CA MET D 114 28.20 -9.79 -17.52
C MET D 114 28.40 -11.28 -17.79
N PRO D 115 28.53 -11.68 -19.04
CA PRO D 115 28.65 -13.11 -19.35
C PRO D 115 30.04 -13.65 -19.11
N ASP D 116 30.11 -14.98 -18.99
CA ASP D 116 31.33 -15.69 -18.65
C ASP D 116 32.07 -15.99 -19.96
N ILE D 117 33.06 -15.18 -20.30
CA ILE D 117 33.82 -15.39 -21.52
C ILE D 117 34.92 -16.40 -21.21
N GLN D 118 34.85 -17.56 -21.87
CA GLN D 118 35.76 -18.64 -21.50
C GLN D 118 37.09 -18.53 -22.23
N ASN D 119 37.05 -18.08 -23.48
CA ASN D 119 38.24 -17.91 -24.32
C ASN D 119 38.33 -16.44 -24.74
N PRO D 120 38.85 -15.58 -23.87
CA PRO D 120 39.13 -14.21 -24.28
C PRO D 120 40.15 -14.17 -25.41
N ASP D 121 39.86 -13.33 -26.41
CA ASP D 121 40.75 -13.16 -27.57
C ASP D 121 40.84 -11.68 -27.94
N PRO D 122 41.50 -10.88 -27.13
CA PRO D 122 41.49 -9.43 -27.37
C PRO D 122 42.15 -9.08 -28.71
N ALA D 123 41.54 -8.13 -29.42
CA ALA D 123 41.96 -7.74 -30.75
C ALA D 123 41.30 -6.41 -31.12
N VAL D 124 42.06 -5.56 -31.81
CA VAL D 124 41.52 -4.33 -32.38
C VAL D 124 41.55 -4.45 -33.90
N TYR D 125 40.41 -4.19 -34.52
CA TYR D 125 40.29 -4.24 -35.97
C TYR D 125 39.87 -2.87 -36.49
N GLN D 126 40.09 -2.67 -37.79
CA GLN D 126 39.70 -1.44 -38.48
C GLN D 126 38.72 -1.75 -39.62
N LEU D 127 37.48 -1.29 -39.48
CA LEU D 127 36.44 -1.47 -40.48
C LEU D 127 36.30 -0.20 -41.34
N ARG D 128 36.06 -0.37 -42.65
CA ARG D 128 35.88 0.74 -43.57
C ARG D 128 34.44 0.86 -44.04
N ASP D 129 34.05 2.07 -44.45
CA ASP D 129 32.65 2.34 -44.79
C ASP D 129 32.26 1.65 -46.08
N SER D 130 31.03 1.14 -46.13
CA SER D 130 30.53 0.51 -47.34
C SER D 130 30.41 1.52 -48.49
N LYS D 131 30.08 2.78 -48.20
CA LYS D 131 30.02 3.80 -49.24
C LYS D 131 31.40 4.21 -49.73
N SER D 132 32.21 4.77 -48.84
CA SER D 132 33.52 5.26 -49.19
C SER D 132 34.59 4.53 -48.40
N SER D 133 35.82 4.60 -48.89
CA SER D 133 36.95 3.99 -48.22
C SER D 133 37.65 4.98 -47.28
N ASP D 134 37.24 6.25 -47.26
CA ASP D 134 37.90 7.22 -46.39
C ASP D 134 37.47 7.05 -44.94
N LYS D 135 36.17 7.06 -44.68
CA LYS D 135 35.68 6.93 -43.31
C LYS D 135 36.00 5.54 -42.77
N SER D 136 36.23 5.45 -41.47
CA SER D 136 36.58 4.17 -40.84
C SER D 136 36.32 4.25 -39.34
N VAL D 137 35.87 3.13 -38.77
CA VAL D 137 35.71 2.98 -37.32
C VAL D 137 36.68 1.91 -36.81
N CYS D 138 36.86 1.88 -35.49
CA CYS D 138 37.65 0.85 -34.80
C CYS D 138 36.77 -0.05 -33.93
N LEU D 139 37.06 -1.35 -33.98
CA LEU D 139 36.36 -2.38 -33.23
C LEU D 139 37.33 -3.04 -32.25
N PHE D 140 37.04 -2.92 -30.97
CA PHE D 140 37.72 -3.71 -29.95
C PHE D 140 36.77 -4.85 -29.57
N THR D 141 37.11 -6.08 -29.96
CA THR D 141 36.19 -7.20 -29.80
C THR D 141 36.88 -8.37 -29.11
N ASP D 142 36.04 -9.27 -28.57
CA ASP D 142 36.43 -10.56 -28.02
C ASP D 142 37.27 -10.45 -26.73
N PHE D 143 37.04 -9.42 -25.93
CA PHE D 143 37.79 -9.29 -24.70
C PHE D 143 37.00 -9.82 -23.50
N ASP D 144 37.71 -10.00 -22.41
CA ASP D 144 37.07 -10.60 -21.24
C ASP D 144 36.09 -9.63 -20.60
N SER D 145 35.06 -10.18 -19.93
CA SER D 145 34.04 -9.35 -19.32
C SER D 145 34.60 -8.46 -18.21
N GLN D 146 35.73 -8.84 -17.59
CA GLN D 146 36.30 -8.01 -16.53
C GLN D 146 36.92 -6.71 -17.05
N THR D 147 37.28 -6.63 -18.34
CA THR D 147 37.81 -5.40 -18.97
C THR D 147 36.90 -4.19 -18.82
N ASN D 148 37.32 -3.21 -18.02
CA ASN D 148 36.57 -1.96 -17.87
C ASN D 148 36.98 -1.04 -19.01
N VAL D 149 36.13 -0.96 -20.04
CA VAL D 149 36.40 -0.17 -21.23
C VAL D 149 36.22 1.30 -20.90
N SER D 150 37.26 1.90 -20.33
CA SER D 150 37.27 3.33 -20.09
C SER D 150 37.29 4.08 -21.42
N GLN D 151 36.75 5.30 -21.41
CA GLN D 151 36.35 5.95 -22.65
C GLN D 151 36.34 7.46 -22.48
N SER D 152 36.22 8.16 -23.61
CA SER D 152 35.96 9.59 -23.65
C SER D 152 36.95 10.36 -22.78
N LYS D 153 38.23 10.01 -22.89
CA LYS D 153 39.29 10.83 -22.29
C LYS D 153 39.66 11.98 -23.22
N ASP D 154 39.99 11.67 -24.47
CA ASP D 154 40.14 12.68 -25.52
C ASP D 154 38.77 13.06 -26.07
N SER D 155 38.61 14.36 -26.36
CA SER D 155 37.37 14.88 -26.93
C SER D 155 37.29 14.70 -28.45
N ASP D 156 38.44 14.64 -29.14
CA ASP D 156 38.48 14.43 -30.58
C ASP D 156 38.19 12.99 -30.99
N VAL D 157 38.32 12.01 -30.10
CA VAL D 157 38.03 10.62 -30.40
C VAL D 157 36.91 10.13 -29.49
N TYR D 158 35.98 9.36 -30.06
CA TYR D 158 34.83 8.83 -29.33
C TYR D 158 35.01 7.34 -29.11
N ILE D 159 34.64 6.88 -27.92
CA ILE D 159 34.69 5.47 -27.56
C ILE D 159 33.39 5.10 -26.86
N THR D 160 32.71 4.06 -27.34
CA THR D 160 31.47 3.62 -26.74
C THR D 160 31.73 2.62 -25.61
N ASP D 161 30.64 2.26 -24.92
CA ASP D 161 30.69 1.25 -23.86
C ASP D 161 30.76 -0.16 -24.46
N LYS D 162 31.20 -1.09 -23.62
CA LYS D 162 31.22 -2.51 -23.96
C LYS D 162 29.80 -3.01 -24.25
N CYS D 163 29.71 -3.99 -25.15
CA CYS D 163 28.44 -4.54 -25.59
C CYS D 163 28.65 -6.05 -25.73
N VAL D 164 27.74 -6.87 -25.21
CA VAL D 164 27.80 -8.32 -25.43
C VAL D 164 26.73 -8.70 -26.44
N LEU D 165 27.15 -9.34 -27.52
CA LEU D 165 26.20 -9.89 -28.48
C LEU D 165 26.12 -11.40 -28.29
N ASP D 166 24.99 -11.96 -28.68
CA ASP D 166 24.71 -13.38 -28.54
C ASP D 166 24.39 -13.96 -29.91
N MET D 167 25.25 -14.86 -30.38
CA MET D 167 25.00 -15.62 -31.60
C MET D 167 24.24 -16.88 -31.21
N ARG D 168 22.93 -16.71 -30.99
CA ARG D 168 22.12 -17.77 -30.41
C ARG D 168 22.20 -19.02 -31.28
N SER D 169 22.21 -18.85 -32.60
CA SER D 169 22.37 -19.97 -33.52
C SER D 169 23.68 -20.71 -33.29
N MET D 170 24.73 -19.98 -32.92
CA MET D 170 26.06 -20.53 -32.73
C MET D 170 26.41 -20.75 -31.27
N ASP D 171 25.52 -20.36 -30.36
CA ASP D 171 25.79 -20.46 -28.91
C ASP D 171 27.16 -19.86 -28.57
N PHE D 172 27.34 -18.58 -28.93
CA PHE D 172 28.62 -17.89 -28.71
C PHE D 172 28.34 -16.43 -28.35
N LYS D 173 29.09 -15.92 -27.38
CA LYS D 173 28.93 -14.56 -26.93
C LYS D 173 30.30 -13.90 -26.93
N SER D 174 30.30 -12.58 -27.12
CA SER D 174 31.55 -11.84 -27.17
C SER D 174 31.28 -10.37 -26.89
N ASN D 175 32.20 -9.74 -26.17
CA ASN D 175 32.17 -8.30 -25.91
C ASN D 175 32.65 -7.50 -27.13
N SER D 176 32.32 -6.21 -27.15
CA SER D 176 32.77 -5.31 -28.22
C SER D 176 32.55 -3.85 -27.83
N ALA D 177 33.50 -3.00 -28.23
CA ALA D 177 33.39 -1.55 -28.08
C ALA D 177 33.90 -0.87 -29.34
N VAL D 178 33.29 0.26 -29.69
CA VAL D 178 33.58 0.92 -30.94
C VAL D 178 34.29 2.23 -30.64
N ALA D 179 35.27 2.58 -31.47
CA ALA D 179 35.92 3.88 -31.38
C ALA D 179 36.05 4.48 -32.78
N TRP D 180 35.79 5.77 -32.89
CA TRP D 180 36.03 6.45 -34.15
C TRP D 180 36.46 7.88 -33.89
N SER D 181 36.82 8.57 -34.97
CA SER D 181 37.28 9.95 -34.91
C SER D 181 37.06 10.60 -36.26
N ASN D 182 37.36 11.91 -36.31
CA ASN D 182 37.38 12.68 -37.54
C ASN D 182 38.77 13.21 -37.90
N LYS D 183 39.75 13.10 -37.00
CA LYS D 183 41.10 13.58 -37.27
C LYS D 183 41.94 12.47 -37.90
N SER D 184 42.84 12.86 -38.80
CA SER D 184 43.68 11.89 -39.46
C SER D 184 44.68 11.28 -38.47
N PHE D 186 45.01 9.56 -36.02
CA PHE D 186 44.43 8.58 -35.11
C PHE D 186 44.65 7.19 -35.65
N ALA D 187 45.15 6.30 -34.79
CA ALA D 187 45.39 4.90 -35.13
C ALA D 187 44.50 4.03 -34.27
N CYS D 188 43.92 2.99 -34.90
CA CYS D 188 42.95 2.16 -34.19
C CYS D 188 43.54 1.48 -32.97
N ALA D 189 44.80 1.05 -33.07
CA ALA D 189 45.40 0.28 -31.99
C ALA D 189 45.36 1.04 -30.68
N ASN D 190 45.87 2.27 -30.68
CA ASN D 190 46.00 3.02 -29.44
C ASN D 190 44.71 3.73 -29.03
N ALA D 191 43.64 3.56 -29.79
CA ALA D 191 42.38 4.21 -29.41
C ALA D 191 41.91 3.71 -28.05
N PHE D 192 42.19 2.46 -27.74
CA PHE D 192 41.84 1.87 -26.45
C PHE D 192 43.06 1.82 -25.55
N ASN D 193 43.85 2.91 -25.54
CA ASN D 193 45.13 2.92 -24.84
C ASN D 193 44.97 2.50 -23.39
N ASN D 194 43.94 3.01 -22.72
CA ASN D 194 43.79 2.75 -21.30
C ASN D 194 43.26 1.35 -21.02
N SER D 195 42.14 0.97 -21.64
CA SER D 195 41.55 -0.35 -21.41
C SER D 195 42.08 -1.37 -22.43
N ILE D 196 43.38 -1.67 -22.30
CA ILE D 196 44.05 -2.61 -23.21
C ILE D 196 45.25 -3.20 -22.48
N ILE D 197 45.56 -4.45 -22.78
CA ILE D 197 46.79 -5.09 -22.32
C ILE D 197 47.64 -5.45 -23.53
N PRO D 198 48.66 -4.65 -23.83
CA PRO D 198 49.36 -4.79 -25.11
C PRO D 198 49.90 -6.19 -25.36
N GLU D 199 50.45 -6.86 -24.34
CA GLU D 199 51.09 -8.14 -24.57
C GLU D 199 50.10 -9.23 -25.00
N ASP D 200 48.80 -9.05 -24.76
CA ASP D 200 47.84 -10.13 -25.02
C ASP D 200 46.94 -9.89 -26.22
N THR D 201 46.60 -8.64 -26.49
CA THR D 201 45.68 -8.33 -27.57
C THR D 201 46.39 -8.46 -28.91
N PHE D 202 45.61 -8.70 -29.94
CA PHE D 202 46.12 -8.96 -31.28
C PHE D 202 45.97 -7.72 -32.14
N PHE D 203 47.08 -7.28 -32.75
CA PHE D 203 47.11 -6.09 -33.59
C PHE D 203 47.47 -6.46 -35.02
N PRO D 204 46.51 -6.50 -35.93
CA PRO D 204 46.83 -6.84 -37.32
C PRO D 204 47.46 -5.67 -38.05
N SER D 205 48.17 -6.01 -39.13
CA SER D 205 48.84 -5.01 -39.95
C SER D 205 47.85 -4.51 -41.00
N PRO D 206 47.32 -3.29 -40.89
CA PRO D 206 46.33 -2.78 -41.85
C PRO D 206 46.97 -2.38 -43.18
N GLY E 2 -5.59 -12.15 -22.59
CA GLY E 2 -4.47 -11.38 -23.10
C GLY E 2 -4.50 -9.90 -22.76
N GLY E 3 -3.99 -9.55 -21.59
CA GLY E 3 -4.10 -8.20 -21.08
C GLY E 3 -3.02 -7.28 -21.61
N ILE E 4 -3.32 -5.99 -21.65
CA ILE E 4 -2.36 -5.01 -22.14
C ILE E 4 -2.65 -3.67 -21.45
N ILE E 5 -1.59 -2.88 -21.27
CA ILE E 5 -1.71 -1.50 -20.80
C ILE E 5 -0.75 -0.66 -21.62
N THR E 6 -1.29 0.28 -22.41
CA THR E 6 -0.51 1.02 -23.38
C THR E 6 -0.68 2.51 -23.12
N GLN E 7 0.43 3.23 -23.07
CA GLN E 7 0.40 4.68 -23.01
C GLN E 7 0.97 5.24 -24.31
N THR E 8 0.46 6.40 -24.72
CA THR E 8 0.82 7.10 -25.95
C THR E 8 1.05 8.58 -25.69
N PRO E 9 2.12 9.16 -26.25
CA PRO E 9 3.02 8.53 -27.22
C PRO E 9 4.28 8.03 -26.54
N LYS E 10 4.98 7.09 -27.19
CA LYS E 10 6.18 6.53 -26.57
C LYS E 10 7.24 7.59 -26.36
N PHE E 11 7.28 8.60 -27.23
CA PHE E 11 8.27 9.65 -27.20
C PHE E 11 7.57 10.94 -27.59
N LEU E 12 7.87 12.00 -26.86
CA LEU E 12 7.06 13.21 -26.95
C LEU E 12 7.98 14.36 -26.62
N ILE E 13 8.32 15.17 -27.63
CA ILE E 13 9.10 16.38 -27.41
C ILE E 13 8.18 17.59 -27.44
N GLY E 14 8.42 18.54 -26.52
CA GLY E 14 7.57 19.71 -26.39
C GLY E 14 8.37 20.96 -26.13
N GLN E 15 7.68 22.09 -26.20
CA GLN E 15 8.28 23.39 -25.97
C GLN E 15 7.76 23.93 -24.63
N GLU E 16 8.29 25.07 -24.21
CA GLU E 16 7.93 25.63 -22.92
C GLU E 16 6.53 26.24 -22.97
N GLY E 17 5.83 26.14 -21.84
CA GLY E 17 4.47 26.60 -21.70
C GLY E 17 3.44 25.79 -22.44
N GLN E 18 3.86 24.83 -23.25
CA GLN E 18 2.90 24.05 -24.01
C GLN E 18 2.14 23.11 -23.07
N LYS E 19 0.91 22.80 -23.46
CA LYS E 19 0.05 21.90 -22.70
C LYS E 19 0.21 20.51 -23.32
N LEU E 20 0.96 19.66 -22.65
CA LEU E 20 1.28 18.34 -23.17
C LEU E 20 0.39 17.30 -22.51
N THR E 21 -0.34 16.54 -23.31
CA THR E 21 -1.27 15.54 -22.78
C THR E 21 -0.68 14.14 -22.96
N LEU E 22 -0.75 13.33 -21.91
CA LEU E 22 -0.36 11.92 -21.98
C LEU E 22 -1.59 11.05 -21.79
N LYS E 23 -1.71 10.02 -22.60
CA LYS E 23 -2.87 9.15 -22.54
C LYS E 23 -2.40 7.74 -22.21
N CYS E 24 -3.20 7.04 -21.40
CA CYS E 24 -2.91 5.68 -21.00
C CYS E 24 -4.23 4.91 -20.93
N GLN E 25 -4.29 3.79 -21.62
CA GLN E 25 -5.46 2.95 -21.53
C GLN E 25 -5.02 1.52 -21.27
N GLN E 26 -5.87 0.79 -20.55
CA GLN E 26 -5.59 -0.57 -20.14
C GLN E 26 -6.85 -1.41 -20.29
N ASN E 27 -6.65 -2.69 -20.60
CA ASN E 27 -7.78 -3.59 -20.75
C ASN E 27 -7.66 -4.72 -19.74
N PHE E 28 -7.50 -4.37 -18.47
CA PHE E 28 -7.43 -5.32 -17.39
C PHE E 28 -8.66 -5.27 -16.49
N ASN E 29 -9.56 -4.32 -16.73
CA ASN E 29 -10.71 -4.10 -15.87
C ASN E 29 -10.25 -3.77 -14.44
N HIS E 30 -9.20 -2.95 -14.37
CA HIS E 30 -8.65 -2.50 -13.11
C HIS E 30 -9.32 -1.20 -12.72
N ASP E 31 -9.80 -1.12 -11.47
CA ASP E 31 -10.56 0.05 -11.05
C ASP E 31 -9.66 1.25 -10.86
N THR E 32 -8.45 1.06 -10.34
CA THR E 32 -7.60 2.17 -10.00
C THR E 32 -6.37 2.20 -10.90
N MET E 33 -6.01 3.40 -11.31
CA MET E 33 -4.85 3.66 -12.14
C MET E 33 -3.98 4.71 -11.47
N TYR E 34 -2.69 4.71 -11.84
CA TYR E 34 -1.70 5.60 -11.26
C TYR E 34 -0.91 6.30 -12.37
N TRP E 35 -0.25 7.40 -12.00
CA TRP E 35 0.66 8.13 -12.88
C TRP E 35 1.92 8.48 -12.10
N TYR E 36 3.02 7.79 -12.38
CA TYR E 36 4.30 8.04 -11.75
C TYR E 36 5.21 8.86 -12.65
N ARG E 37 6.19 9.51 -12.03
CA ARG E 37 7.21 10.26 -12.75
C ARG E 37 8.57 9.76 -12.29
N GLN E 38 9.31 9.14 -13.21
CA GLN E 38 10.67 8.68 -12.95
C GLN E 38 11.62 9.77 -13.43
N ASP E 39 12.31 10.42 -12.51
CA ASP E 39 13.20 11.47 -13.00
C ASP E 39 14.61 10.95 -13.24
N SER E 40 15.43 11.80 -13.89
CA SER E 40 16.77 11.39 -14.32
C SER E 40 17.57 10.82 -13.17
N GLY E 41 17.53 11.49 -12.01
CA GLY E 41 18.25 11.05 -10.84
C GLY E 41 17.77 9.71 -10.33
N LYS E 42 16.66 9.71 -9.60
CA LYS E 42 16.16 8.51 -8.95
C LYS E 42 14.75 8.82 -8.45
N GLY E 43 14.08 7.76 -7.99
CA GLY E 43 12.77 7.86 -7.34
C GLY E 43 11.56 7.88 -8.26
N LEU E 44 10.69 6.88 -8.12
CA LEU E 44 9.33 6.95 -8.63
C LEU E 44 8.51 7.84 -7.70
N ARG E 45 7.75 8.77 -8.27
CA ARG E 45 6.99 9.73 -7.48
C ARG E 45 5.59 9.83 -8.07
N LEU E 46 4.59 9.52 -7.27
CA LEU E 46 3.22 9.47 -7.74
C LEU E 46 2.70 10.88 -8.00
N ILE E 47 2.17 11.13 -9.18
CA ILE E 47 1.61 12.44 -9.48
C ILE E 47 0.13 12.48 -9.20
N TYR E 48 -0.54 11.42 -9.59
CA TYR E 48 -1.98 11.32 -9.58
C TYR E 48 -2.33 9.86 -9.56
N TYR E 49 -3.36 9.52 -8.81
CA TYR E 49 -3.97 8.20 -8.86
C TYR E 49 -5.48 8.40 -8.85
N SER E 50 -6.20 7.45 -9.47
CA SER E 50 -7.67 7.52 -9.59
C SER E 50 -8.27 6.16 -9.27
N ILE E 51 -8.80 6.04 -8.05
CA ILE E 51 -9.56 4.87 -7.62
C ILE E 51 -10.96 4.99 -8.18
N THR E 52 -11.35 4.07 -9.07
CA THR E 52 -12.65 4.10 -9.77
C THR E 52 -12.81 5.40 -10.54
N GLU E 53 -13.92 6.13 -10.40
CA GLU E 53 -14.16 7.36 -11.16
C GLU E 53 -14.09 8.60 -10.28
N ASN E 54 -12.94 8.83 -9.66
CA ASN E 54 -12.68 10.05 -8.90
C ASN E 54 -11.21 10.10 -8.51
N ASP E 55 -10.42 10.97 -9.14
CA ASP E 55 -9.00 11.07 -8.85
C ASP E 55 -8.74 11.72 -7.49
N LEU E 56 -7.46 11.72 -7.10
CA LEU E 56 -7.01 12.25 -5.82
C LEU E 56 -5.58 12.70 -6.01
N GLN E 57 -5.38 14.02 -6.06
CA GLN E 57 -4.05 14.58 -6.25
C GLN E 57 -3.16 14.15 -5.10
N LYS E 58 -1.98 13.64 -5.42
CA LYS E 58 -1.12 13.20 -4.35
C LYS E 58 0.31 13.13 -4.84
N GLY E 59 1.23 13.73 -4.10
CA GLY E 59 2.63 13.47 -4.27
C GLY E 59 3.34 14.54 -5.05
N ASP E 60 2.80 14.87 -6.22
CA ASP E 60 3.50 15.71 -7.18
C ASP E 60 2.56 16.60 -7.99
N LEU E 61 1.37 16.91 -7.51
CA LEU E 61 0.55 17.84 -8.28
C LEU E 61 1.18 19.23 -8.29
N SER E 62 1.79 19.64 -7.17
CA SER E 62 2.28 21.01 -6.96
C SER E 62 3.32 21.40 -8.00
N GLU E 63 3.77 20.44 -8.79
CA GLU E 63 4.61 20.70 -9.95
C GLU E 63 3.79 21.16 -11.13
N GLY E 64 2.46 21.10 -11.04
CA GLY E 64 1.61 21.65 -12.06
C GLY E 64 1.19 20.59 -13.05
N TYR E 65 0.18 19.83 -12.68
CA TYR E 65 -0.35 18.79 -13.53
C TYR E 65 -1.86 18.83 -13.45
N ASP E 66 -2.51 18.04 -14.29
CA ASP E 66 -3.95 17.93 -14.27
C ASP E 66 -4.31 16.59 -14.90
N ALA E 67 -5.05 15.76 -14.18
CA ALA E 67 -5.41 14.47 -14.75
C ALA E 67 -6.89 14.46 -15.09
N SER E 68 -7.30 13.48 -15.89
CA SER E 68 -8.71 13.27 -16.15
C SER E 68 -8.95 11.81 -16.47
N ARG E 69 -10.17 11.36 -16.19
CA ARG E 69 -10.52 9.95 -16.37
C ARG E 69 -12.03 9.87 -16.48
N GLU E 70 -12.54 9.64 -17.69
CA GLU E 70 -13.97 9.45 -17.86
C GLU E 70 -14.32 7.98 -17.94
N LYS E 71 -13.50 7.19 -18.62
CA LYS E 71 -13.70 5.76 -18.74
C LYS E 71 -12.83 5.04 -17.71
N LYS E 72 -13.32 3.87 -17.28
CA LYS E 72 -12.55 3.04 -16.36
C LYS E 72 -11.20 2.64 -16.95
N SER E 73 -11.08 2.58 -18.27
CA SER E 73 -9.88 2.04 -18.89
C SER E 73 -8.84 3.09 -19.25
N SER E 74 -9.21 4.38 -19.23
CA SER E 74 -8.36 5.45 -19.72
C SER E 74 -8.07 6.44 -18.60
N PHE E 75 -6.77 6.69 -18.39
CA PHE E 75 -6.25 7.65 -17.42
C PHE E 75 -5.32 8.63 -18.14
N SER E 76 -5.73 9.89 -18.23
CA SER E 76 -5.04 10.88 -19.04
C SER E 76 -4.32 11.88 -18.15
N LEU E 77 -3.05 12.16 -18.47
CA LEU E 77 -2.23 13.09 -17.70
C LEU E 77 -1.77 14.23 -18.59
N THR E 78 -1.87 15.46 -18.10
CA THR E 78 -1.41 16.61 -18.86
C THR E 78 -0.51 17.46 -17.99
N VAL E 79 0.58 17.94 -18.58
CA VAL E 79 1.49 18.86 -17.92
C VAL E 79 0.99 20.28 -18.16
N THR E 80 0.60 20.97 -17.08
CA THR E 80 -0.06 22.26 -17.26
C THR E 80 0.82 23.23 -18.05
N SER E 81 2.14 23.16 -17.87
CA SER E 81 3.07 24.07 -18.51
C SER E 81 4.49 23.51 -18.37
N ALA E 82 4.98 22.83 -19.40
CA ALA E 82 6.31 22.24 -19.34
C ALA E 82 7.33 23.34 -19.18
N GLN E 83 7.82 23.53 -17.97
CA GLN E 83 8.68 24.66 -17.69
C GLN E 83 9.72 24.19 -16.69
N LYS E 84 10.96 24.03 -17.14
CA LYS E 84 11.36 24.27 -18.52
C LYS E 84 12.61 23.45 -18.74
N ASN E 85 12.80 22.98 -19.97
CA ASN E 85 13.94 22.12 -20.32
C ASN E 85 14.01 20.89 -19.43
N GLU E 86 12.87 20.37 -18.99
CA GLU E 86 12.94 19.17 -18.17
C GLU E 86 13.14 17.93 -19.03
N MET E 87 13.54 16.86 -18.36
CA MET E 87 13.72 15.54 -18.96
C MET E 87 13.19 14.52 -17.97
N ALA E 88 12.14 13.79 -18.34
CA ALA E 88 11.46 12.87 -17.42
C ALA E 88 10.73 11.76 -18.17
N VAL E 89 10.73 10.58 -17.56
CA VAL E 89 9.93 9.43 -17.99
C VAL E 89 8.64 9.39 -17.18
N PHE E 90 7.51 9.20 -17.85
CA PHE E 90 6.24 9.03 -17.16
C PHE E 90 5.76 7.60 -17.32
N LEU E 91 5.46 6.96 -16.20
CA LEU E 91 4.98 5.60 -16.19
C LEU E 91 3.52 5.56 -15.76
N CYS E 92 2.72 4.76 -16.49
CA CYS E 92 1.32 4.48 -16.21
C CYS E 92 1.18 3.14 -15.50
N ALA E 93 0.43 3.09 -14.39
CA ALA E 93 0.16 1.80 -13.73
C ALA E 93 -1.33 1.59 -13.48
N SER E 94 -1.75 0.34 -13.32
CA SER E 94 -3.13 0.06 -12.93
C SER E 94 -3.14 -1.12 -11.97
N SER E 95 -4.17 -1.18 -11.13
CA SER E 95 -4.28 -2.35 -10.26
C SER E 95 -5.73 -2.60 -9.90
N LEU E 96 -5.98 -3.82 -9.50
CA LEU E 96 -7.31 -4.25 -9.17
C LEU E 96 -7.67 -3.78 -7.75
N ARG E 97 -8.90 -3.29 -7.57
CA ARG E 97 -9.36 -2.82 -6.26
C ARG E 97 -10.09 -3.95 -5.54
N THR E 98 -9.35 -4.76 -4.80
CA THR E 98 -9.92 -5.86 -4.04
C THR E 98 -10.02 -5.59 -2.54
N GLY E 99 -9.43 -4.50 -2.05
CA GLY E 99 -9.17 -4.32 -0.65
C GLY E 99 -7.84 -4.86 -0.19
N ALA E 100 -7.25 -5.80 -0.91
CA ALA E 100 -5.91 -6.29 -0.63
C ALA E 100 -4.88 -5.48 -1.44
N ASN E 101 -3.60 -5.76 -1.17
CA ASN E 101 -2.49 -5.16 -1.92
C ASN E 101 -2.39 -5.90 -3.26
N SER E 102 -3.16 -5.43 -4.24
CA SER E 102 -3.15 -6.04 -5.56
C SER E 102 -1.91 -5.62 -6.34
N ASP E 103 -1.45 -6.50 -7.23
CA ASP E 103 -0.18 -6.26 -7.91
C ASP E 103 -0.31 -5.13 -8.93
N TYR E 104 0.71 -4.27 -8.98
CA TYR E 104 0.67 -3.20 -9.97
C TYR E 104 1.12 -3.71 -11.34
N THR E 105 0.43 -3.23 -12.36
CA THR E 105 0.74 -3.47 -13.75
C THR E 105 1.17 -2.15 -14.35
N PHE E 106 2.35 -2.11 -14.96
CA PHE E 106 2.98 -0.90 -15.44
C PHE E 106 3.02 -0.87 -16.95
N GLY E 107 3.18 0.33 -17.49
CA GLY E 107 3.40 0.54 -18.89
C GLY E 107 4.87 0.80 -19.16
N SER E 108 5.19 0.83 -20.46
CA SER E 108 6.59 0.91 -20.86
C SER E 108 7.20 2.26 -20.50
N GLY E 109 6.42 3.32 -20.64
CA GLY E 109 6.89 4.64 -20.30
C GLY E 109 6.80 5.59 -21.46
N THR E 110 6.69 6.86 -21.12
CA THR E 110 6.70 7.94 -22.09
C THR E 110 7.91 8.83 -21.79
N ARG E 111 8.77 9.01 -22.78
CA ARG E 111 9.90 9.89 -22.61
C ARG E 111 9.55 11.29 -23.11
N LEU E 112 9.57 12.24 -22.18
CA LEU E 112 9.28 13.65 -22.44
C LEU E 112 10.58 14.43 -22.45
N LEU E 113 10.72 15.30 -23.45
CA LEU E 113 11.88 16.18 -23.56
C LEU E 113 11.38 17.55 -23.95
N VAL E 114 11.81 18.58 -23.21
CA VAL E 114 11.44 19.97 -23.48
C VAL E 114 12.69 20.73 -23.88
N ILE E 115 12.62 21.46 -24.99
CA ILE E 115 13.75 22.26 -25.46
C ILE E 115 13.29 23.67 -25.85
N GLU E 116 14.25 24.60 -25.88
CA GLU E 116 13.95 26.00 -26.22
C GLU E 116 13.66 26.18 -27.70
N ASP E 117 14.54 25.67 -28.55
CA ASP E 117 14.50 25.85 -29.99
C ASP E 117 14.36 24.49 -30.65
N LEU E 118 13.34 24.35 -31.50
CA LEU E 118 13.22 23.16 -32.34
C LEU E 118 14.34 23.02 -33.38
N ASN E 119 15.07 24.11 -33.70
CA ASN E 119 16.21 24.06 -34.62
C ASN E 119 17.36 23.21 -34.09
N LYS E 120 17.23 22.62 -32.91
CA LYS E 120 18.21 21.71 -32.36
C LYS E 120 17.89 20.25 -32.65
N VAL E 121 16.72 19.97 -33.23
CA VAL E 121 16.25 18.61 -33.53
C VAL E 121 16.81 18.17 -34.88
N PHE E 122 17.57 17.06 -34.88
CA PHE E 122 18.24 16.54 -36.09
C PHE E 122 18.01 15.03 -36.23
N PRO E 123 17.55 14.56 -37.38
CA PRO E 123 17.54 13.12 -37.63
C PRO E 123 18.97 12.61 -37.76
N PRO E 124 19.17 11.31 -37.69
CA PRO E 124 20.53 10.79 -37.68
C PRO E 124 21.06 10.56 -39.08
N GLU E 125 22.39 10.39 -39.14
CA GLU E 125 23.08 9.91 -40.32
C GLU E 125 23.54 8.51 -39.99
N VAL E 126 23.27 7.56 -40.87
CA VAL E 126 23.59 6.18 -40.62
C VAL E 126 24.70 5.78 -41.58
N ALA E 127 25.63 4.96 -41.10
CA ALA E 127 26.58 4.32 -42.00
C ALA E 127 26.86 2.92 -41.51
N VAL E 128 27.12 2.04 -42.46
CA VAL E 128 27.48 0.65 -42.22
C VAL E 128 28.94 0.48 -42.58
N PHE E 129 29.66 -0.25 -41.74
CA PHE E 129 31.08 -0.50 -41.93
C PHE E 129 31.29 -2.00 -42.13
N GLU E 130 31.92 -2.37 -43.24
CA GLU E 130 32.07 -3.77 -43.58
C GLU E 130 33.07 -4.45 -42.65
N PRO E 131 32.95 -5.76 -42.43
CA PRO E 131 33.87 -6.45 -41.51
C PRO E 131 35.32 -6.33 -41.93
N SER E 132 36.21 -6.42 -40.96
CA SER E 132 37.64 -6.38 -41.22
C SER E 132 38.12 -7.66 -41.87
N GLU E 133 39.01 -7.54 -42.87
CA GLU E 133 39.58 -8.75 -43.46
C GLU E 133 40.41 -9.53 -42.44
N ALA E 134 41.04 -8.85 -41.50
CA ALA E 134 41.87 -9.53 -40.51
C ALA E 134 41.04 -10.30 -39.50
N GLU E 135 39.84 -9.81 -39.18
CA GLU E 135 38.94 -10.52 -38.28
C GLU E 135 38.49 -11.84 -38.89
N ILE E 136 38.24 -11.86 -40.19
CA ILE E 136 37.72 -13.07 -40.81
C ILE E 136 38.74 -14.19 -40.72
N SER E 137 39.99 -13.91 -41.06
CA SER E 137 40.98 -14.99 -41.01
C SER E 137 41.29 -15.41 -39.59
N HIS E 138 41.19 -14.50 -38.62
CA HIS E 138 41.56 -14.77 -37.22
C HIS E 138 40.46 -15.48 -36.46
N THR E 139 39.20 -15.08 -36.63
CA THR E 139 38.12 -15.63 -35.85
C THR E 139 37.13 -16.44 -36.67
N GLN E 140 37.24 -16.42 -38.00
CA GLN E 140 36.25 -17.05 -38.88
C GLN E 140 34.85 -16.50 -38.62
N LYS E 141 34.76 -15.25 -38.16
CA LYS E 141 33.49 -14.54 -38.00
C LYS E 141 33.63 -13.12 -38.52
N ALA E 142 32.49 -12.51 -38.82
CA ALA E 142 32.43 -11.20 -39.47
C ALA E 142 31.55 -10.24 -38.68
N THR E 143 32.14 -9.13 -38.24
CA THR E 143 31.44 -8.12 -37.46
C THR E 143 31.12 -6.92 -38.32
N LEU E 144 29.84 -6.64 -38.50
CA LEU E 144 29.42 -5.38 -39.09
C LEU E 144 29.22 -4.36 -37.97
N VAL E 145 29.56 -3.11 -38.24
CA VAL E 145 29.34 -2.02 -37.32
C VAL E 145 28.46 -1.00 -38.01
N CYS E 146 27.39 -0.61 -37.33
CA CYS E 146 26.57 0.50 -37.80
C CYS E 146 26.79 1.71 -36.88
N LEU E 147 26.76 2.89 -37.50
CA LEU E 147 26.94 4.16 -36.79
C LEU E 147 25.83 5.12 -37.15
N ALA E 148 25.07 5.56 -36.13
CA ALA E 148 24.11 6.64 -36.25
C ALA E 148 24.66 7.88 -35.55
N THR E 149 24.83 8.97 -36.29
CA THR E 149 25.50 10.16 -35.77
C THR E 149 24.65 11.40 -36.01
N GLY E 150 24.81 12.40 -35.15
CA GLY E 150 24.20 13.70 -35.39
C GLY E 150 22.73 13.86 -35.05
N PHE E 151 22.17 13.02 -34.19
CA PHE E 151 20.75 13.11 -33.95
C PHE E 151 20.44 13.74 -32.59
N PHE E 152 19.28 14.39 -32.54
CA PHE E 152 18.76 14.92 -31.29
C PHE E 152 17.24 15.01 -31.42
N PRO E 153 16.48 14.48 -30.44
CA PRO E 153 16.95 13.87 -29.20
C PRO E 153 17.40 12.43 -29.40
N ASP E 154 17.73 11.72 -28.33
CA ASP E 154 18.03 10.29 -28.40
C ASP E 154 16.77 9.44 -28.45
N HIS E 155 15.76 9.85 -29.22
CA HIS E 155 14.53 9.07 -29.37
C HIS E 155 14.63 8.22 -30.63
N VAL E 156 15.38 7.12 -30.53
CA VAL E 156 15.68 6.29 -31.69
C VAL E 156 15.55 4.81 -31.32
N GLU E 157 15.27 4.01 -32.33
CA GLU E 157 15.26 2.56 -32.21
C GLU E 157 16.01 2.02 -33.40
N LEU E 158 17.09 1.31 -33.13
CA LEU E 158 17.95 0.76 -34.17
C LEU E 158 17.60 -0.70 -34.40
N SER E 159 17.70 -1.13 -35.64
CA SER E 159 17.31 -2.50 -35.99
C SER E 159 18.14 -2.98 -37.18
N TRP E 160 18.48 -4.25 -37.18
CA TRP E 160 19.21 -4.85 -38.29
C TRP E 160 18.26 -5.70 -39.12
N TRP E 161 18.45 -5.70 -40.43
CA TRP E 161 17.61 -6.42 -41.37
C TRP E 161 18.52 -7.17 -42.32
N VAL E 162 18.41 -8.49 -42.31
CA VAL E 162 19.21 -9.33 -43.19
C VAL E 162 18.26 -9.95 -44.22
N ASN E 163 18.46 -9.60 -45.48
CA ASN E 163 17.61 -10.10 -46.57
C ASN E 163 16.13 -9.78 -46.30
N GLY E 164 15.87 -8.64 -45.67
CA GLY E 164 14.53 -8.12 -45.54
C GLY E 164 13.79 -8.54 -44.29
N LYS E 165 14.41 -9.30 -43.40
CA LYS E 165 13.79 -9.72 -42.14
C LYS E 165 14.63 -9.22 -40.97
N GLU E 166 13.94 -8.66 -39.99
CA GLU E 166 14.64 -8.14 -38.83
C GLU E 166 15.28 -9.29 -38.06
N VAL E 167 16.55 -9.16 -37.72
CA VAL E 167 17.24 -10.20 -36.98
C VAL E 167 17.55 -9.69 -35.59
N HIS E 168 17.81 -10.63 -34.69
CA HIS E 168 18.05 -10.33 -33.30
C HIS E 168 19.34 -11.01 -32.83
N SER E 169 19.53 -12.26 -33.20
CA SER E 169 20.73 -12.98 -32.80
C SER E 169 21.95 -12.25 -33.35
N GLY E 170 23.02 -12.23 -32.56
CA GLY E 170 24.26 -11.62 -33.03
C GLY E 170 24.25 -10.11 -33.13
N VAL E 171 23.28 -9.44 -32.48
CA VAL E 171 23.15 -7.99 -32.52
C VAL E 171 23.43 -7.42 -31.14
N CYS E 172 24.06 -6.25 -31.13
CA CYS E 172 24.41 -5.51 -29.91
C CYS E 172 24.28 -4.03 -30.22
N THR E 173 23.54 -3.30 -29.38
CA THR E 173 23.45 -1.86 -29.54
C THR E 173 23.92 -1.17 -28.26
N ASP E 174 24.53 0.00 -28.43
CA ASP E 174 25.02 0.73 -27.27
C ASP E 174 23.83 0.95 -26.34
N PRO E 175 23.99 0.69 -25.04
CA PRO E 175 22.84 0.92 -24.15
C PRO E 175 22.44 2.38 -24.07
N GLN E 176 23.37 3.31 -24.31
CA GLN E 176 23.09 4.74 -24.20
C GLN E 176 23.88 5.44 -25.29
N PRO E 177 23.35 6.54 -25.83
CA PRO E 177 24.08 7.25 -26.89
C PRO E 177 25.28 7.98 -26.35
N LEU E 178 26.09 8.57 -27.23
CA LEU E 178 27.22 9.43 -26.88
C LEU E 178 26.97 10.86 -27.28
N LYS E 179 27.15 11.79 -26.34
CA LYS E 179 27.16 13.21 -26.71
C LYS E 179 28.41 13.52 -27.53
N GLU E 180 28.19 14.00 -28.76
CA GLU E 180 29.28 14.28 -29.70
C GLU E 180 30.06 15.53 -29.30
N GLN E 181 29.36 16.58 -29.00
CA GLN E 181 30.09 17.73 -28.57
C GLN E 181 29.76 18.03 -27.12
N PRO E 182 30.74 18.45 -26.32
CA PRO E 182 30.46 18.72 -24.90
C PRO E 182 29.56 19.92 -24.66
N ALA E 183 29.27 20.72 -25.68
CA ALA E 183 28.46 21.91 -25.50
C ALA E 183 27.03 21.56 -25.11
N LEU E 184 26.48 22.32 -24.16
CA LEU E 184 25.08 22.14 -23.81
C LEU E 184 24.17 22.46 -24.99
N ASN E 185 24.47 23.53 -25.73
CA ASN E 185 23.63 24.07 -26.80
C ASN E 185 23.86 23.39 -28.15
N ASP E 186 24.65 22.35 -28.19
CA ASP E 186 24.60 21.48 -29.34
C ASP E 186 24.12 20.10 -28.93
N SER E 187 25.03 19.33 -28.35
CA SER E 187 24.73 18.02 -27.76
C SER E 187 23.91 17.12 -28.70
N ARG E 188 24.37 16.99 -29.94
CA ARG E 188 23.93 15.89 -30.80
C ARG E 188 24.54 14.58 -30.33
N TYR E 189 23.82 13.48 -30.57
CA TYR E 189 24.18 12.17 -30.05
C TYR E 189 24.69 11.26 -31.17
N ALA E 190 25.45 10.26 -30.78
CA ALA E 190 25.82 9.18 -31.68
C ALA E 190 25.48 7.86 -30.99
N LEU E 191 25.20 6.83 -31.78
CA LEU E 191 24.85 5.52 -31.22
C LEU E 191 25.33 4.46 -32.21
N SER E 192 25.96 3.41 -31.70
CA SER E 192 26.48 2.37 -32.57
C SER E 192 25.90 1.02 -32.20
N SER E 193 25.86 0.16 -33.20
CA SER E 193 25.40 -1.20 -33.02
C SER E 193 26.25 -2.12 -33.87
N ARG E 194 26.29 -3.38 -33.49
CA ARG E 194 27.06 -4.34 -34.26
C ARG E 194 26.26 -5.62 -34.45
N LEU E 195 26.41 -6.18 -35.64
CA LEU E 195 25.77 -7.42 -36.06
C LEU E 195 26.90 -8.33 -36.47
N ARG E 196 27.09 -9.43 -35.74
CA ARG E 196 28.18 -10.35 -36.04
C ARG E 196 27.62 -11.64 -36.63
N VAL E 197 28.15 -12.04 -37.79
CA VAL E 197 27.72 -13.25 -38.50
C VAL E 197 28.96 -14.10 -38.78
N SER E 198 28.70 -15.33 -39.24
CA SER E 198 29.81 -16.20 -39.64
C SER E 198 30.49 -15.65 -40.88
N ALA E 199 31.79 -15.91 -40.98
CA ALA E 199 32.56 -15.44 -42.14
C ALA E 199 32.00 -16.00 -43.45
N THR E 200 31.39 -17.18 -43.42
CA THR E 200 30.81 -17.71 -44.66
C THR E 200 29.53 -16.97 -45.02
N PHE E 201 28.67 -16.68 -44.03
CA PHE E 201 27.45 -15.95 -44.32
C PHE E 201 27.74 -14.57 -44.92
N TRP E 202 28.81 -13.90 -44.48
CA TRP E 202 29.14 -12.59 -45.04
C TRP E 202 29.80 -12.71 -46.41
N GLN E 203 30.64 -13.71 -46.59
CA GLN E 203 31.25 -13.87 -47.90
C GLN E 203 30.26 -14.33 -49.01
N ASN E 204 28.94 -14.33 -48.81
CA ASN E 204 28.01 -14.67 -49.88
C ASN E 204 27.43 -13.39 -50.46
N PRO E 205 27.74 -13.02 -51.73
CA PRO E 205 27.27 -11.71 -52.25
C PRO E 205 25.77 -11.62 -52.42
N ARG E 206 25.04 -12.70 -52.14
CA ARG E 206 23.59 -12.63 -52.26
C ARG E 206 22.94 -12.07 -50.99
N ASN E 207 23.61 -12.20 -49.84
CA ASN E 207 23.06 -11.74 -48.57
C ASN E 207 23.10 -10.21 -48.47
N HIS E 208 21.94 -9.61 -48.24
CA HIS E 208 21.82 -8.16 -48.12
C HIS E 208 21.72 -7.74 -46.65
N PHE E 209 22.51 -6.74 -46.27
CA PHE E 209 22.55 -6.25 -44.89
C PHE E 209 22.10 -4.80 -44.85
N ARG E 210 21.21 -4.49 -43.91
CA ARG E 210 20.76 -3.12 -43.76
C ARG E 210 20.60 -2.79 -42.28
N CYS E 211 21.25 -1.71 -41.87
CA CYS E 211 21.10 -1.09 -40.56
C CYS E 211 19.99 -0.06 -40.68
N GLN E 212 19.12 -0.01 -39.68
CA GLN E 212 17.95 0.84 -39.84
C GLN E 212 17.69 1.54 -38.52
N VAL E 213 17.39 2.84 -38.57
CA VAL E 213 17.28 3.66 -37.36
C VAL E 213 15.97 4.43 -37.46
N GLN E 214 15.01 4.08 -36.61
CA GLN E 214 13.76 4.81 -36.56
C GLN E 214 13.96 6.05 -35.69
N PHE E 215 13.72 7.23 -36.25
CA PHE E 215 13.91 8.47 -35.51
C PHE E 215 12.54 9.04 -35.18
N TYR E 216 12.39 9.57 -33.97
CA TYR E 216 11.13 10.16 -33.54
C TYR E 216 11.38 11.65 -33.40
N GLY E 217 10.76 12.42 -34.29
CA GLY E 217 11.01 13.85 -34.31
C GLY E 217 9.71 14.60 -34.40
N LEU E 218 9.70 15.67 -35.17
CA LEU E 218 8.54 16.52 -35.31
C LEU E 218 7.44 15.82 -36.09
N SER E 219 6.23 16.38 -36.04
CA SER E 219 5.12 15.93 -36.87
C SER E 219 4.79 17.01 -37.89
N GLU E 220 4.04 16.62 -38.92
CA GLU E 220 3.60 17.59 -39.93
C GLU E 220 2.74 18.66 -39.32
N ASN E 221 2.14 18.39 -38.16
CA ASN E 221 1.35 19.40 -37.48
C ASN E 221 2.22 20.53 -36.93
N ASP E 222 3.49 20.23 -36.63
CA ASP E 222 4.39 21.25 -36.07
C ASP E 222 4.79 22.28 -37.14
N GLU E 223 5.22 23.44 -36.65
CA GLU E 223 5.65 24.55 -37.48
C GLU E 223 7.15 24.47 -37.76
N TRP E 224 7.54 24.79 -38.99
CA TRP E 224 8.94 24.77 -39.40
C TRP E 224 9.22 26.00 -40.24
N THR E 225 10.25 26.75 -39.87
CA THR E 225 10.56 27.99 -40.55
C THR E 225 11.97 28.00 -41.13
N GLN E 226 12.74 26.95 -40.90
CA GLN E 226 14.09 26.90 -41.43
C GLN E 226 14.09 26.41 -42.86
N ASP E 227 15.24 26.59 -43.51
CA ASP E 227 15.41 26.18 -44.89
C ASP E 227 15.69 24.71 -45.05
N ARG E 228 16.28 24.09 -44.04
CA ARG E 228 16.61 22.69 -44.16
C ARG E 228 15.34 21.84 -44.03
N ALA E 229 15.47 20.56 -44.39
CA ALA E 229 14.34 19.65 -44.27
C ALA E 229 13.86 19.59 -42.82
N LYS E 230 12.53 19.51 -42.66
CA LYS E 230 11.85 19.43 -41.38
C LYS E 230 12.22 18.12 -40.73
N PRO E 231 12.75 18.14 -39.54
CA PRO E 231 13.20 16.88 -38.93
C PRO E 231 12.04 16.08 -38.38
N VAL E 232 11.24 15.50 -39.28
CA VAL E 232 10.04 14.76 -38.93
C VAL E 232 10.41 13.34 -38.50
N THR E 233 9.46 12.62 -37.92
CA THR E 233 9.67 11.20 -37.71
C THR E 233 9.94 10.51 -39.05
N GLN E 234 11.00 9.69 -39.06
CA GLN E 234 11.52 9.11 -40.28
C GLN E 234 12.46 7.98 -39.93
N ILE E 235 12.61 7.08 -40.87
CA ILE E 235 13.63 6.05 -40.82
C ILE E 235 14.81 6.53 -41.60
N VAL E 236 16.00 6.26 -41.08
CA VAL E 236 17.23 6.46 -41.80
C VAL E 236 17.99 5.14 -41.72
N SER E 237 18.52 4.70 -42.88
CA SER E 237 19.05 3.36 -43.08
C SER E 237 20.28 3.42 -43.98
N ALA E 238 21.14 2.39 -43.83
CA ALA E 238 22.34 2.20 -44.63
C ALA E 238 22.53 0.70 -44.85
N GLU E 239 23.05 0.32 -46.01
CA GLU E 239 23.06 -1.07 -46.44
C GLU E 239 24.45 -1.52 -46.85
N ALA E 240 24.64 -2.83 -46.90
CA ALA E 240 25.88 -3.42 -47.41
C ALA E 240 25.58 -4.82 -47.92
N TRP E 241 26.15 -5.17 -49.06
CA TRP E 241 26.02 -6.51 -49.59
C TRP E 241 27.25 -7.35 -49.22
N GLY E 242 27.07 -8.66 -49.16
CA GLY E 242 28.18 -9.55 -48.91
C GLY E 242 29.31 -9.34 -49.91
N ARG E 243 30.51 -9.82 -49.52
CA ARG E 243 31.74 -9.54 -50.26
C ARG E 243 32.58 -10.80 -50.34
N ALA E 244 33.07 -11.10 -51.53
CA ALA E 244 33.89 -12.27 -51.71
C ALA E 244 35.34 -11.92 -51.50
#